data_8SL1
#
_entry.id   8SL1
#
_cell.length_a   1.00
_cell.length_b   1.00
_cell.length_c   1.00
_cell.angle_alpha   90.00
_cell.angle_beta   90.00
_cell.angle_gamma   90.00
#
_symmetry.space_group_name_H-M   'P 1'
#
loop_
_entity.id
_entity.type
_entity.pdbx_description
1 polymer Pappalysin-2
2 branched 2-acetamido-2-deoxy-beta-D-glucopyranose-(1-4)-2-acetamido-2-deoxy-beta-D-glucopyranose
3 non-polymer 'ZINC ION'
4 non-polymer 2-acetamido-2-deoxy-beta-D-glucopyranose
5 non-polymer 'CALCIUM ION'
6 water water
#
_entity_poly.entity_id   1
_entity_poly.type   'polypeptide(L)'
_entity_poly.pdbx_seq_one_letter_code
;PPEESNQNGGEGSYREAETFNSQVGLPILYFSGRRERLLLRPEVLAEIPREAFTVEAWVKPEGGQNNPAIIAGVFDNCSH
TVSDKGWALGIRSGKDKGKRDARFFFSLCTDRVKKATILISHSRYQPGTWTHVAATYDGRHMALYVDGTQVASSLDQSGP
LNSPFMASCRSLLLGGDSSEDGHYFRGHLGTLVFWSTALPQSHFQHSSQHSSGEEEATDLVLTASFEPVNTEWVPFRDEK
YPRLEVLQGFEPEPEILSPLQPPLCGQTVCDNVELISQYNGYWPLRGEKVIRYQVVNICDDEGLNPIVSEEQIRLQHEAL
NEAFSRYNISWQLSVHQVHNSTLRHRVVLVNCEPSKIGNDHCDPECEHPLTGYDGGDCRLQGRCYSWNRRDGLCHVECNN
MLNDFDDGDCCDPQVADVRKTCFDPDSPKRAYMSVKELKEALQLNSTHFLNIYFASSVREDLAGAATWPWDKDAVTHLGG
IVLSPAYYGMPGHTDTMIHQVGHVLGLYHVFKGVSERESCNDPCKETVPSMETGDLCADTAPTPKSELCREPEPTSDTCG
FTRFPGAPFTNYMSYTDDNCTDNFTPNQVARMHCYLDLVYQQWTESRKPTPIPIPPMVIGQTNKSLTIHWLPPISGVVYD
RASGSLCGACTEDGTFRQYVHTASSRRVCDSSGYWTPEEAVGPPDVDQPCEPSLQAWSPEVHLYHMNMTVPCPTEGCSLE
LLFQHPVQADTLTLWVTSFFMESSQVLFDTEILLENKESVHLGPLDTFCDIPLTIKLHVDGKVSGVKVYTFDERIEIDAA
LLTSQPHSPLCSGCRPVRYQVLRDPPFASGLPVVVTHSHRKFTDVEVTPGQMYQYQVLAEAGGELGEASPPLNHIHGAPY
CGDGKVSERLGEECDDGDLVSGDGCSKVCELEEGFNCVGEPSLCYMYEGDGICEPFERKTSIVDCGIYTPKGYLDQWATR
AYSSHEDKKKCPVSLVTGEPHSLICTSYHPDLPNHRPLTGWFPCVASENETQDDRSEQPEGSLKKEDEVWLKVCFNRPGE
ARAIFIFLTTDGLVPGEHQQPTVTLYLTDVRGSNHSLGTYGLSCQHNPLIINVTHHQNVLFHHTTSVLLNFSSPRVGISA
VALRTSSRIGLSAPSNCISEDEGQNHQGQSCIHRPCGKQDSCPSLLLDHADVVNCTSIGPGLMKCAITCQRGFALQASSG
QYIRPMQKEILLTCSSGHWDQNVSCLPVDCGVPDPSLVNYANFSCSEGTKFLKRCSISCVPPAKLQGLSPWLTCLEDGLW
SLPEVYCKLECDAPPIILNANLLLPHCLQDNHDVGTICKYECKPGYYVAESAEGKVRNKLLKIQCLEGGIWEQGSCIPVV
CEPPPPVFEGMYECTNGFSLDSQCVLNCNQEREKLPILCTKEGLWTQEFKLCENLQGECPPPPSELNSVEYKCEQGYGIG
AVCSPLCVIPPSDPVMLPENITADTLEHWMEPVKVQSIVCTGRRQWHPDPVLVHCIQSCEPFQADGWCDTINNRAYCHYD
GGDCCSSTLSSKKVIPFAADCDLDECTCRDPKAEENQTRTGGDYKDDDDK
;
_entity_poly.pdbx_strand_id   A
#
loop_
_chem_comp.id
_chem_comp.type
_chem_comp.name
_chem_comp.formula
CA non-polymer 'CALCIUM ION' 'Ca 2'
NAG D-saccharide, beta linking 2-acetamido-2-deoxy-beta-D-glucopyranose 'C8 H15 N O6'
ZN non-polymer 'ZINC ION' 'Zn 2'
#
# COMPACT_ATOMS: atom_id res chain seq x y z
N GLY A 25 28.39 8.56 9.56
CA GLY A 25 27.73 7.76 8.56
C GLY A 25 27.95 6.27 8.77
N LEU A 26 26.96 5.46 8.42
CA LEU A 26 27.03 4.02 8.58
C LEU A 26 27.27 3.36 7.23
N PRO A 27 28.44 2.80 6.97
CA PRO A 27 28.65 2.10 5.69
C PRO A 27 27.67 0.95 5.52
N ILE A 28 27.24 0.75 4.28
CA ILE A 28 26.24 -0.25 3.94
C ILE A 28 26.67 -0.97 2.69
N LEU A 29 26.44 -2.29 2.65
CA LEU A 29 26.72 -3.11 1.48
C LEU A 29 25.41 -3.40 0.76
N TYR A 30 25.22 -2.80 -0.40
CA TYR A 30 24.08 -3.11 -1.25
C TYR A 30 24.45 -4.28 -2.16
N PHE A 31 23.68 -5.35 -2.07
CA PHE A 31 23.77 -6.47 -3.00
C PHE A 31 22.63 -6.34 -4.00
N SER A 32 22.96 -6.32 -5.28
CA SER A 32 21.97 -6.12 -6.34
C SER A 32 21.58 -7.41 -7.03
N GLY A 33 22.09 -8.55 -6.56
CA GLY A 33 21.93 -9.79 -7.28
C GLY A 33 22.82 -9.93 -8.50
N ARG A 34 23.61 -8.92 -8.80
CA ARG A 34 24.50 -8.91 -9.96
C ARG A 34 25.87 -9.52 -9.64
N ARG A 35 25.90 -10.75 -9.13
CA ARG A 35 27.15 -11.43 -8.85
C ARG A 35 27.99 -10.63 -7.87
N GLU A 36 27.51 -10.50 -6.63
CA GLU A 36 28.26 -9.89 -5.53
C GLU A 36 28.22 -10.84 -4.35
N ARG A 37 29.29 -11.61 -4.16
CA ARG A 37 29.39 -12.57 -3.06
C ARG A 37 30.71 -12.31 -2.35
N LEU A 38 30.64 -12.00 -1.05
CA LEU A 38 31.83 -11.71 -0.27
C LEU A 38 32.27 -12.94 0.52
N LEU A 39 33.53 -12.90 0.97
CA LEU A 39 34.13 -13.95 1.77
C LEU A 39 35.04 -13.31 2.80
N LEU A 40 35.18 -13.98 3.94
CA LEU A 40 35.99 -13.45 5.03
C LEU A 40 37.45 -13.81 4.84
N ARG A 41 38.32 -12.81 4.87
CA ARG A 41 39.75 -13.07 4.75
C ARG A 41 40.21 -13.92 5.93
N PRO A 42 41.01 -14.97 5.70
CA PRO A 42 41.45 -15.79 6.84
C PRO A 42 42.22 -15.01 7.88
N GLU A 43 42.99 -14.00 7.48
CA GLU A 43 43.79 -13.24 8.44
C GLU A 43 42.90 -12.47 9.42
N VAL A 44 41.75 -11.97 8.94
CA VAL A 44 40.93 -11.10 9.77
C VAL A 44 40.42 -11.84 11.01
N LEU A 45 39.92 -13.05 10.82
CA LEU A 45 39.29 -13.83 11.88
C LEU A 45 40.09 -15.09 12.14
N ALA A 46 40.44 -15.34 13.40
CA ALA A 46 41.27 -16.47 13.75
C ALA A 46 40.52 -17.79 13.53
N GLU A 47 39.30 -17.89 14.05
CA GLU A 47 38.54 -19.12 13.94
C GLU A 47 37.05 -18.80 14.07
N ILE A 48 36.24 -19.44 13.24
CA ILE A 48 34.79 -19.25 13.27
C ILE A 48 34.22 -20.02 14.46
N PRO A 49 33.21 -19.49 15.15
CA PRO A 49 32.58 -20.27 16.23
C PRO A 49 32.04 -21.59 15.73
N ARG A 50 32.15 -22.61 16.57
CA ARG A 50 31.74 -23.97 16.22
C ARG A 50 30.61 -24.47 17.11
N GLU A 51 30.70 -24.26 18.42
CA GLU A 51 29.68 -24.77 19.33
C GLU A 51 28.48 -23.83 19.38
N ALA A 52 28.70 -22.58 19.78
CA ALA A 52 27.62 -21.60 19.91
C ALA A 52 27.99 -20.34 19.14
N PHE A 53 26.96 -19.62 18.69
CA PHE A 53 27.17 -18.39 17.96
C PHE A 53 25.89 -17.55 17.99
N THR A 54 26.06 -16.27 17.65
CA THR A 54 24.92 -15.31 17.59
C THR A 54 25.19 -14.33 16.44
N VAL A 55 24.42 -14.43 15.35
CA VAL A 55 24.62 -13.61 14.16
C VAL A 55 23.45 -12.63 14.06
N GLU A 56 23.75 -11.34 14.06
CA GLU A 56 22.72 -10.33 13.94
C GLU A 56 23.11 -9.33 12.86
N ALA A 57 22.10 -8.76 12.19
CA ALA A 57 22.36 -7.87 11.07
C ALA A 57 21.14 -7.00 10.80
N TRP A 58 21.40 -5.73 10.48
CA TRP A 58 20.38 -4.83 9.97
C TRP A 58 20.30 -5.04 8.47
N VAL A 59 19.24 -5.71 8.01
CA VAL A 59 19.05 -6.04 6.61
C VAL A 59 17.83 -5.30 6.11
N LYS A 60 17.98 -4.62 4.97
CA LYS A 60 16.87 -3.93 4.32
C LYS A 60 16.61 -4.62 2.99
N PRO A 61 15.75 -5.63 2.95
CA PRO A 61 15.52 -6.35 1.70
C PRO A 61 14.61 -5.56 0.77
N GLU A 62 14.53 -6.05 -0.47
CA GLU A 62 13.71 -5.44 -1.50
C GLU A 62 12.80 -6.50 -2.11
N GLY A 63 11.63 -6.05 -2.57
CA GLY A 63 10.66 -6.99 -3.08
C GLY A 63 11.24 -7.85 -4.19
N GLY A 64 10.84 -9.12 -4.21
CA GLY A 64 11.25 -10.02 -5.27
C GLY A 64 12.71 -10.43 -5.21
N GLN A 65 13.07 -11.20 -4.19
CA GLN A 65 14.40 -11.78 -4.08
C GLN A 65 14.34 -13.24 -4.52
N ASN A 66 15.50 -13.88 -4.61
CA ASN A 66 15.54 -15.30 -4.92
C ASN A 66 14.85 -16.09 -3.81
N ASN A 67 14.28 -17.24 -4.18
CA ASN A 67 13.54 -18.04 -3.21
C ASN A 67 14.39 -18.33 -1.98
N PRO A 68 15.46 -19.13 -2.05
CA PRO A 68 16.33 -19.28 -0.86
C PRO A 68 17.47 -18.26 -0.84
N ALA A 69 17.13 -16.99 -0.70
CA ALA A 69 18.14 -15.94 -0.66
C ALA A 69 18.88 -15.98 0.66
N ILE A 70 20.20 -15.76 0.62
CA ILE A 70 21.03 -15.75 1.82
C ILE A 70 21.64 -14.37 1.98
N ILE A 71 21.49 -13.80 3.18
CA ILE A 71 22.10 -12.51 3.53
C ILE A 71 23.50 -12.78 4.06
N ALA A 72 23.65 -13.85 4.83
CA ALA A 72 24.94 -14.25 5.36
C ALA A 72 24.89 -15.73 5.68
N GLY A 73 26.06 -16.36 5.72
CA GLY A 73 26.11 -17.77 6.04
C GLY A 73 27.50 -18.36 6.07
N VAL A 74 27.72 -19.30 6.98
CA VAL A 74 28.98 -20.04 7.07
C VAL A 74 28.77 -21.36 6.34
N PHE A 75 29.59 -21.61 5.31
CA PHE A 75 29.46 -22.78 4.47
C PHE A 75 30.81 -23.49 4.36
N ASP A 76 30.73 -24.78 4.04
CA ASP A 76 31.94 -25.57 3.84
C ASP A 76 32.72 -25.04 2.65
N ASN A 77 34.03 -24.91 2.84
CA ASN A 77 34.94 -24.43 1.79
C ASN A 77 35.67 -25.57 1.09
N CYS A 78 36.11 -26.57 1.86
CA CYS A 78 36.83 -27.69 1.27
C CYS A 78 35.95 -28.46 0.29
N SER A 79 34.70 -28.72 0.68
CA SER A 79 33.78 -29.45 -0.18
C SER A 79 33.36 -28.59 -1.36
N HIS A 80 33.44 -29.16 -2.56
CA HIS A 80 33.08 -28.44 -3.78
C HIS A 80 31.67 -28.75 -4.27
N THR A 81 31.03 -29.79 -3.73
CA THR A 81 29.67 -30.15 -4.13
C THR A 81 28.68 -29.21 -3.43
N VAL A 82 27.39 -29.51 -3.54
CA VAL A 82 26.38 -28.72 -2.86
C VAL A 82 26.66 -28.76 -1.36
N SER A 83 26.72 -27.59 -0.74
CA SER A 83 27.10 -27.45 0.67
C SER A 83 25.97 -26.74 1.41
N ASP A 84 25.02 -27.53 1.90
CA ASP A 84 24.03 -27.03 2.84
C ASP A 84 24.49 -27.13 4.30
N LYS A 85 25.68 -27.69 4.52
CA LYS A 85 26.22 -27.81 5.87
C LYS A 85 26.56 -26.43 6.42
N GLY A 86 26.44 -26.29 7.74
CA GLY A 86 26.73 -25.04 8.41
C GLY A 86 25.45 -24.32 8.79
N TRP A 87 25.32 -23.08 8.33
CA TRP A 87 24.09 -22.33 8.59
C TRP A 87 23.99 -21.19 7.60
N ALA A 88 22.76 -20.69 7.45
CA ALA A 88 22.47 -19.65 6.46
C ALA A 88 21.28 -18.84 6.95
N LEU A 89 21.48 -17.53 7.09
CA LEU A 89 20.43 -16.60 7.46
C LEU A 89 20.00 -15.85 6.21
N GLY A 90 18.69 -15.67 6.02
CA GLY A 90 18.24 -14.96 4.84
C GLY A 90 16.73 -14.93 4.69
N ILE A 91 16.24 -15.15 3.46
CA ILE A 91 14.81 -15.09 3.15
C ILE A 91 14.44 -16.33 2.34
N ARG A 92 13.42 -17.05 2.80
CA ARG A 92 12.99 -18.29 2.17
C ARG A 92 11.50 -18.22 1.87
N SER A 93 11.07 -18.89 0.81
CA SER A 93 9.67 -18.97 0.44
C SER A 93 9.16 -20.40 0.56
N GLY A 94 7.94 -20.54 1.06
CA GLY A 94 7.37 -21.86 1.24
C GLY A 94 7.32 -22.63 -0.08
N LYS A 95 7.76 -23.89 -0.02
CA LYS A 95 7.78 -24.71 -1.22
C LYS A 95 6.36 -24.92 -1.76
N ASP A 96 5.39 -25.14 -0.87
CA ASP A 96 4.01 -25.32 -1.30
C ASP A 96 3.44 -24.06 -1.93
N LYS A 97 4.09 -22.92 -1.77
CA LYS A 97 3.67 -21.66 -2.36
C LYS A 97 4.62 -21.21 -3.46
N GLY A 98 5.91 -21.09 -3.15
CA GLY A 98 6.92 -20.81 -4.17
C GLY A 98 6.95 -19.37 -4.62
N LYS A 99 5.84 -18.88 -5.18
CA LYS A 99 5.81 -17.56 -5.80
C LYS A 99 5.44 -16.44 -4.82
N ARG A 100 5.03 -16.77 -3.60
CA ARG A 100 4.59 -15.75 -2.65
C ARG A 100 4.91 -16.21 -1.24
N ASP A 101 4.63 -15.34 -0.28
CA ASP A 101 4.78 -15.64 1.15
C ASP A 101 6.24 -15.95 1.47
N ALA A 102 7.10 -14.96 1.22
CA ALA A 102 8.52 -15.07 1.53
C ALA A 102 8.78 -14.48 2.90
N ARG A 103 9.42 -15.27 3.76
CA ARG A 103 9.63 -14.89 5.15
C ARG A 103 11.09 -15.07 5.51
N PHE A 104 11.57 -14.25 6.45
CA PHE A 104 12.92 -14.39 6.93
C PHE A 104 13.12 -15.79 7.50
N PHE A 105 14.29 -16.38 7.24
CA PHE A 105 14.56 -17.75 7.59
C PHE A 105 15.98 -17.89 8.08
N PHE A 106 16.22 -18.96 8.84
CA PHE A 106 17.53 -19.29 9.38
C PHE A 106 17.64 -20.81 9.36
N SER A 107 18.46 -21.34 8.46
CA SER A 107 18.57 -22.79 8.28
C SER A 107 19.94 -23.23 8.78
N LEU A 108 19.95 -24.14 9.75
CA LEU A 108 21.18 -24.68 10.31
C LEU A 108 21.22 -26.18 10.06
N CYS A 109 22.37 -26.69 9.63
CA CYS A 109 22.57 -28.10 9.32
C CYS A 109 23.91 -28.52 9.90
N THR A 110 23.88 -29.18 11.06
CA THR A 110 25.09 -29.75 11.63
C THR A 110 25.41 -31.08 10.96
N ASP A 111 26.61 -31.57 11.23
CA ASP A 111 27.03 -32.87 10.69
C ASP A 111 26.32 -34.04 11.34
N ARG A 112 25.56 -33.80 12.41
CA ARG A 112 24.84 -34.85 13.13
C ARG A 112 23.46 -35.11 12.53
N VAL A 113 22.62 -34.09 12.45
CA VAL A 113 21.29 -34.23 11.88
C VAL A 113 21.39 -34.18 10.37
N LYS A 114 20.80 -35.17 9.69
CA LYS A 114 20.96 -35.28 8.25
C LYS A 114 20.32 -34.11 7.52
N LYS A 115 19.12 -33.71 7.92
CA LYS A 115 18.35 -32.69 7.24
C LYS A 115 18.54 -31.34 7.90
N ALA A 116 18.76 -30.30 7.09
CA ALA A 116 18.84 -28.95 7.62
C ALA A 116 17.53 -28.55 8.26
N THR A 117 17.63 -27.92 9.43
CA THR A 117 16.45 -27.46 10.17
C THR A 117 16.32 -25.94 9.98
N ILE A 118 15.14 -25.51 9.57
CA ILE A 118 14.90 -24.14 9.15
C ILE A 118 13.89 -23.50 10.09
N LEU A 119 14.29 -22.39 10.71
CA LEU A 119 13.35 -21.53 11.43
C LEU A 119 12.83 -20.49 10.44
N ILE A 120 11.51 -20.38 10.34
CA ILE A 120 10.87 -19.48 9.39
C ILE A 120 10.07 -18.45 10.19
N SER A 121 10.26 -17.18 9.86
CA SER A 121 9.55 -16.11 10.53
C SER A 121 8.04 -16.30 10.39
N HIS A 122 7.28 -15.50 11.13
CA HIS A 122 5.83 -15.61 11.13
C HIS A 122 5.16 -14.69 10.13
N SER A 123 5.82 -13.60 9.75
CA SER A 123 5.26 -12.62 8.82
C SER A 123 6.18 -12.48 7.61
N ARG A 124 5.57 -12.23 6.45
CA ARG A 124 6.35 -11.96 5.25
C ARG A 124 7.05 -10.61 5.38
N TYR A 125 8.34 -10.60 5.05
CA TYR A 125 9.15 -9.42 5.30
C TYR A 125 8.56 -8.19 4.63
N GLN A 126 8.96 -7.03 5.12
CA GLN A 126 8.51 -5.76 4.57
C GLN A 126 9.64 -5.11 3.79
N PRO A 127 9.65 -5.17 2.46
CA PRO A 127 10.75 -4.57 1.71
C PRO A 127 10.82 -3.07 1.94
N GLY A 128 12.04 -2.55 1.93
CA GLY A 128 12.28 -1.14 2.15
C GLY A 128 12.30 -0.71 3.60
N THR A 129 12.17 -1.64 4.53
CA THR A 129 12.19 -1.35 5.97
C THR A 129 13.41 -2.02 6.59
N TRP A 130 14.21 -1.22 7.32
CA TRP A 130 15.37 -1.76 8.00
C TRP A 130 14.94 -2.76 9.08
N THR A 131 15.26 -4.03 8.89
CA THR A 131 14.86 -5.09 9.81
C THR A 131 16.09 -5.66 10.50
N HIS A 132 16.07 -5.70 11.83
CA HIS A 132 17.16 -6.27 12.60
C HIS A 132 16.90 -7.76 12.75
N VAL A 133 17.47 -8.54 11.84
CA VAL A 133 17.31 -10.00 11.85
C VAL A 133 18.48 -10.60 12.61
N ALA A 134 18.18 -11.43 13.60
CA ALA A 134 19.20 -12.07 14.41
C ALA A 134 18.87 -13.54 14.60
N ALA A 135 19.89 -14.32 14.93
CA ALA A 135 19.71 -15.75 15.16
C ALA A 135 20.81 -16.23 16.08
N THR A 136 20.42 -16.96 17.12
CA THR A 136 21.35 -17.50 18.09
C THR A 136 21.26 -19.02 18.10
N TYR A 137 22.37 -19.66 18.43
CA TYR A 137 22.40 -21.12 18.57
C TYR A 137 23.45 -21.47 19.60
N ASP A 138 23.03 -22.09 20.70
CA ASP A 138 23.93 -22.53 21.75
C ASP A 138 23.53 -23.94 22.18
N GLY A 139 24.24 -24.93 21.64
CA GLY A 139 24.02 -26.32 21.99
C GLY A 139 22.84 -26.93 21.25
N ARG A 140 21.63 -26.63 21.69
CA ARG A 140 20.43 -27.15 21.03
C ARG A 140 19.41 -26.07 20.72
N HIS A 141 19.24 -25.09 21.60
CA HIS A 141 18.18 -24.09 21.48
C HIS A 141 18.60 -23.05 20.46
N MET A 142 18.11 -23.18 19.23
CA MET A 142 18.39 -22.21 18.17
C MET A 142 17.16 -21.35 17.97
N ALA A 143 17.35 -20.03 18.02
CA ALA A 143 16.25 -19.08 18.00
C ALA A 143 16.48 -18.04 16.91
N LEU A 144 15.39 -17.59 16.30
CA LEU A 144 15.39 -16.61 15.23
C LEU A 144 14.51 -15.45 15.64
N TYR A 145 15.10 -14.24 15.64
CA TYR A 145 14.46 -13.03 16.12
C TYR A 145 14.40 -12.00 15.00
N VAL A 146 13.29 -11.28 14.92
CA VAL A 146 13.10 -10.21 13.96
C VAL A 146 12.71 -8.94 14.71
N ASP A 147 13.54 -7.90 14.59
CA ASP A 147 13.32 -6.64 15.31
C ASP A 147 13.28 -6.85 16.82
N GLY A 148 13.95 -7.89 17.31
CA GLY A 148 14.01 -8.17 18.73
C GLY A 148 12.98 -9.16 19.22
N THR A 149 11.90 -9.38 18.47
CA THR A 149 10.86 -10.31 18.86
C THR A 149 11.22 -11.69 18.32
N GLN A 150 11.34 -12.67 19.21
CA GLN A 150 11.67 -14.03 18.79
C GLN A 150 10.52 -14.56 17.95
N VAL A 151 10.74 -14.67 16.64
CA VAL A 151 9.70 -15.15 15.73
C VAL A 151 9.81 -16.65 15.50
N ALA A 152 10.86 -17.30 15.98
CA ALA A 152 10.89 -18.76 15.89
C ALA A 152 11.93 -19.29 16.86
N SER A 153 11.77 -20.57 17.22
CA SER A 153 12.74 -21.24 18.07
C SER A 153 12.58 -22.75 17.86
N SER A 154 13.67 -23.48 18.08
CA SER A 154 13.67 -24.91 17.86
C SER A 154 14.81 -25.55 18.64
N LEU A 155 14.74 -26.87 18.77
CA LEU A 155 15.76 -27.68 19.43
C LEU A 155 16.12 -28.90 18.60
N ASP A 156 15.81 -28.89 17.30
CA ASP A 156 16.06 -30.06 16.47
C ASP A 156 17.55 -30.35 16.37
N GLN A 157 18.38 -29.33 16.19
CA GLN A 157 19.82 -29.51 16.11
C GLN A 157 20.42 -29.60 17.51
N SER A 158 21.56 -30.29 17.59
CA SER A 158 22.26 -30.44 18.86
C SER A 158 23.74 -30.66 18.58
N GLY A 159 24.56 -30.41 19.59
CA GLY A 159 25.97 -30.67 19.52
C GLY A 159 26.73 -29.60 18.75
N PRO A 160 28.05 -29.74 18.68
CA PRO A 160 28.85 -28.76 17.92
C PRO A 160 28.52 -28.80 16.43
N LEU A 161 28.74 -27.66 15.78
CA LEU A 161 28.47 -27.57 14.35
C LEU A 161 29.32 -28.56 13.57
N ASN A 162 30.60 -28.67 13.92
CA ASN A 162 31.52 -29.54 13.18
C ASN A 162 32.73 -29.84 14.06
N SER A 163 33.45 -30.89 13.68
CA SER A 163 34.67 -31.23 14.38
C SER A 163 35.73 -30.16 14.16
N PRO A 164 36.50 -29.81 15.18
CA PRO A 164 37.53 -28.76 14.98
C PRO A 164 38.55 -29.12 13.92
N PHE A 165 38.78 -30.41 13.66
CA PHE A 165 39.81 -30.80 12.71
C PHE A 165 39.56 -30.17 11.34
N MET A 166 38.31 -30.18 10.89
CA MET A 166 37.93 -29.58 9.61
C MET A 166 37.41 -28.16 9.78
N ALA A 167 37.71 -27.51 10.90
CA ALA A 167 37.26 -26.13 11.11
C ALA A 167 37.81 -25.20 10.03
N SER A 168 38.98 -25.51 9.48
CA SER A 168 39.55 -24.69 8.42
C SER A 168 38.76 -24.77 7.13
N CYS A 169 37.80 -25.70 7.02
CA CYS A 169 37.00 -25.87 5.82
C CYS A 169 35.68 -25.12 5.89
N ARG A 170 35.49 -24.25 6.88
CA ARG A 170 34.28 -23.45 7.02
C ARG A 170 34.62 -21.99 6.83
N SER A 171 33.89 -21.31 5.95
CA SER A 171 34.14 -19.92 5.63
C SER A 171 32.83 -19.15 5.61
N LEU A 172 32.90 -17.86 5.93
CA LEU A 172 31.74 -17.00 6.06
C LEU A 172 31.57 -16.18 4.77
N LEU A 173 30.34 -16.14 4.26
CA LEU A 173 29.99 -15.35 3.08
C LEU A 173 28.84 -14.42 3.42
N LEU A 174 28.80 -13.29 2.73
CA LEU A 174 27.74 -12.30 2.88
C LEU A 174 26.98 -12.18 1.58
N GLY A 175 25.65 -12.21 1.67
CA GLY A 175 24.81 -12.01 0.49
C GLY A 175 25.01 -13.04 -0.59
N GLY A 176 25.14 -14.31 -0.21
CA GLY A 176 25.31 -15.36 -1.19
C GLY A 176 25.34 -16.72 -0.55
N ASP A 177 25.39 -17.74 -1.40
CA ASP A 177 25.41 -19.12 -0.97
C ASP A 177 26.56 -19.84 -1.66
N SER A 178 27.09 -20.85 -0.97
CA SER A 178 28.24 -21.58 -1.52
C SER A 178 27.89 -22.32 -2.81
N SER A 179 26.62 -22.72 -2.97
CA SER A 179 26.23 -23.48 -4.14
C SER A 179 26.34 -22.62 -5.41
N GLU A 180 26.53 -23.30 -6.53
CA GLU A 180 26.65 -22.62 -7.82
C GLU A 180 25.33 -22.02 -8.30
N ASP A 181 24.21 -22.37 -7.66
CA ASP A 181 22.93 -21.81 -8.07
C ASP A 181 22.89 -20.31 -7.89
N GLY A 182 23.75 -19.76 -7.03
CA GLY A 182 23.81 -18.33 -6.83
C GLY A 182 22.60 -17.77 -6.10
N HIS A 183 22.44 -18.13 -4.83
CA HIS A 183 21.37 -17.58 -4.00
C HIS A 183 21.76 -16.17 -3.57
N TYR A 184 21.54 -15.22 -4.49
CA TYR A 184 21.96 -13.85 -4.25
C TYR A 184 20.91 -13.09 -3.46
N PHE A 185 21.37 -12.24 -2.55
CA PHE A 185 20.50 -11.39 -1.75
C PHE A 185 20.40 -10.01 -2.40
N ARG A 186 19.17 -9.52 -2.54
CA ARG A 186 18.92 -8.20 -3.12
C ARG A 186 18.46 -7.26 -2.01
N GLY A 187 19.29 -6.27 -1.70
CA GLY A 187 18.95 -5.29 -0.70
C GLY A 187 20.20 -4.79 0.00
N HIS A 188 19.97 -3.97 1.02
CA HIS A 188 21.05 -3.41 1.81
C HIS A 188 21.37 -4.30 3.00
N LEU A 189 22.65 -4.30 3.39
CA LEU A 189 23.12 -4.89 4.64
C LEU A 189 23.87 -3.79 5.38
N GLY A 190 23.32 -3.34 6.50
CA GLY A 190 23.88 -2.23 7.23
C GLY A 190 25.03 -2.63 8.14
N THR A 191 24.75 -3.51 9.09
CA THR A 191 25.75 -3.96 10.04
C THR A 191 25.64 -5.47 10.22
N LEU A 192 26.76 -6.11 10.55
CA LEU A 192 26.80 -7.52 10.87
C LEU A 192 27.63 -7.70 12.14
N VAL A 193 27.10 -8.45 13.09
CA VAL A 193 27.78 -8.72 14.35
C VAL A 193 27.70 -10.21 14.64
N PHE A 194 28.82 -10.77 15.11
CA PHE A 194 28.98 -12.20 15.30
C PHE A 194 29.56 -12.46 16.68
N TRP A 195 28.82 -13.19 17.51
CA TRP A 195 29.25 -13.63 18.82
C TRP A 195 29.42 -15.14 18.82
N SER A 196 30.15 -15.64 19.83
CA SER A 196 30.42 -17.06 19.96
C SER A 196 29.49 -17.76 20.95
N THR A 197 28.49 -17.06 21.49
CA THR A 197 27.53 -17.65 22.41
C THR A 197 26.17 -17.02 22.17
N ALA A 198 25.12 -17.81 22.32
CA ALA A 198 23.77 -17.31 22.11
C ALA A 198 23.44 -16.23 23.13
N LEU A 199 23.32 -14.98 22.68
CA LEU A 199 22.98 -13.90 23.57
C LEU A 199 21.55 -14.03 24.06
N PRO A 200 21.23 -13.49 25.24
CA PRO A 200 19.83 -13.52 25.69
C PRO A 200 18.94 -12.66 24.81
N GLN A 201 17.68 -13.04 24.74
CA GLN A 201 16.73 -12.36 23.86
C GLN A 201 16.72 -10.85 24.13
N SER A 202 16.80 -10.45 25.40
CA SER A 202 16.69 -9.05 25.74
C SER A 202 17.76 -8.20 25.07
N HIS A 203 18.86 -8.82 24.65
CA HIS A 203 19.89 -8.06 23.95
C HIS A 203 19.36 -7.46 22.66
N PHE A 204 18.59 -8.23 21.89
CA PHE A 204 18.19 -7.78 20.56
C PHE A 204 17.30 -6.56 20.61
N GLN A 205 16.35 -6.52 21.56
CA GLN A 205 15.50 -5.30 21.70
C GLN A 205 16.38 -4.10 22.08
N HIS A 206 17.51 -4.37 22.75
CA HIS A 206 18.43 -3.32 23.19
C HIS A 206 19.79 -3.52 22.54
N SER A 207 19.81 -3.86 21.25
CA SER A 207 21.07 -4.10 20.57
C SER A 207 21.94 -2.85 20.56
N SER A 208 21.32 -1.69 20.38
CA SER A 208 22.06 -0.43 20.37
C SER A 208 22.44 0.05 21.77
N GLN A 209 21.85 -0.53 22.82
CA GLN A 209 22.19 -0.15 24.18
C GLN A 209 23.33 -0.98 24.76
N HIS A 210 23.44 -2.25 24.34
CA HIS A 210 24.54 -3.12 24.79
C HIS A 210 25.77 -2.78 23.94
N SER A 211 26.42 -1.68 24.30
CA SER A 211 27.55 -1.15 23.54
C SER A 211 28.84 -1.76 24.07
N SER A 212 29.21 -2.91 23.52
CA SER A 212 30.49 -3.56 23.82
C SER A 212 30.69 -3.71 25.32
N GLY A 213 29.81 -4.50 25.94
CA GLY A 213 29.95 -4.77 27.36
C GLY A 213 31.27 -5.47 27.65
N GLU A 214 31.85 -5.15 28.81
CA GLU A 214 33.14 -5.72 29.17
C GLU A 214 33.06 -7.24 29.31
N GLU A 215 31.99 -7.74 29.92
CA GLU A 215 31.88 -9.18 30.18
C GLU A 215 31.79 -9.97 28.88
N GLU A 216 31.23 -9.38 27.83
CA GLU A 216 31.07 -10.05 26.55
C GLU A 216 32.15 -9.67 25.54
N ALA A 217 33.22 -8.99 25.99
CA ALA A 217 34.27 -8.58 25.08
C ALA A 217 34.93 -9.79 24.41
N THR A 218 35.20 -10.84 25.19
CA THR A 218 35.84 -12.04 24.64
C THR A 218 34.92 -12.82 23.71
N ASP A 219 33.61 -12.56 23.77
CA ASP A 219 32.63 -13.34 22.96
C ASP A 219 32.38 -12.65 21.62
N LEU A 220 32.74 -11.36 21.50
CA LEU A 220 32.48 -10.62 20.27
C LEU A 220 33.43 -11.07 19.18
N VAL A 221 33.03 -12.10 18.42
CA VAL A 221 33.93 -12.68 17.42
C VAL A 221 34.21 -11.68 16.31
N LEU A 222 33.17 -11.06 15.77
CA LEU A 222 33.33 -10.23 14.59
C LEU A 222 32.36 -9.07 14.62
N THR A 223 32.81 -7.92 14.08
CA THR A 223 31.97 -6.73 13.95
C THR A 223 32.31 -6.11 12.60
N ALA A 224 31.55 -6.50 11.57
CA ALA A 224 31.82 -6.01 10.23
C ALA A 224 31.71 -4.49 10.17
N SER A 225 32.69 -3.85 9.54
CA SER A 225 32.71 -2.41 9.38
C SER A 225 32.11 -1.96 8.04
N PHE A 226 32.58 -2.55 6.94
CA PHE A 226 32.10 -2.34 5.58
C PHE A 226 32.53 -1.00 4.99
N GLU A 227 33.20 -0.13 5.74
CA GLU A 227 33.66 1.13 5.16
C GLU A 227 34.82 0.81 4.21
N PRO A 228 35.94 0.20 4.68
CA PRO A 228 36.83 -0.48 3.72
C PRO A 228 36.38 -1.91 3.47
N VAL A 229 36.03 -2.23 2.22
CA VAL A 229 35.59 -3.59 1.92
C VAL A 229 36.77 -4.50 1.64
N ASN A 230 37.82 -3.96 0.98
CA ASN A 230 38.96 -4.80 0.64
C ASN A 230 39.75 -5.22 1.86
N THR A 231 39.79 -4.39 2.90
CA THR A 231 40.61 -4.72 4.06
C THR A 231 40.14 -6.00 4.74
N GLU A 232 38.82 -6.17 4.87
CA GLU A 232 38.26 -7.28 5.62
C GLU A 232 37.63 -8.37 4.76
N TRP A 233 37.15 -8.04 3.56
CA TRP A 233 36.41 -8.98 2.73
C TRP A 233 37.06 -9.14 1.37
N VAL A 234 36.88 -10.32 0.78
CA VAL A 234 37.40 -10.62 -0.55
C VAL A 234 36.26 -11.15 -1.40
N PRO A 235 36.11 -10.72 -2.66
CA PRO A 235 35.01 -11.23 -3.48
C PRO A 235 35.14 -12.74 -3.70
N PHE A 236 33.99 -13.40 -3.82
CA PHE A 236 33.94 -14.85 -3.97
C PHE A 236 33.87 -15.21 -5.44
N ARG A 237 34.92 -15.89 -5.93
CA ARG A 237 34.95 -16.42 -7.30
C ARG A 237 34.79 -15.32 -8.33
N ASP A 238 35.65 -14.30 -8.25
CA ASP A 238 35.78 -13.22 -9.23
C ASP A 238 34.56 -12.30 -9.26
N GLU A 239 33.53 -12.57 -8.45
CA GLU A 239 32.34 -11.74 -8.45
C GLU A 239 32.68 -10.33 -7.97
N LYS A 240 31.93 -9.34 -8.43
CA LYS A 240 32.24 -7.96 -8.12
C LYS A 240 31.95 -7.64 -6.66
N TYR A 241 32.63 -6.62 -6.15
CA TYR A 241 32.36 -6.12 -4.81
C TYR A 241 30.93 -5.58 -4.74
N PRO A 242 30.15 -5.93 -3.72
CA PRO A 242 28.81 -5.32 -3.60
C PRO A 242 28.92 -3.81 -3.43
N ARG A 243 27.95 -3.07 -3.92
CA ARG A 243 28.05 -1.61 -3.91
C ARG A 243 28.16 -1.10 -2.48
N LEU A 244 28.93 -0.02 -2.31
CA LEU A 244 29.15 0.57 -1.00
C LEU A 244 28.37 1.87 -0.92
N GLU A 245 27.51 1.99 0.09
CA GLU A 245 26.73 3.19 0.33
C GLU A 245 27.09 3.77 1.69
N VAL A 246 26.88 5.08 1.84
CA VAL A 246 27.13 5.77 3.09
C VAL A 246 25.93 6.65 3.39
N LEU A 247 25.41 6.56 4.62
CA LEU A 247 24.28 7.38 5.03
C LEU A 247 24.76 8.77 5.38
N GLN A 248 24.23 9.79 4.70
CA GLN A 248 24.59 11.17 4.97
C GLN A 248 23.71 11.67 6.11
N GLY A 249 24.26 11.67 7.32
CA GLY A 249 23.53 12.06 8.51
C GLY A 249 22.75 10.90 9.10
N PHE A 250 22.29 11.10 10.33
CA PHE A 250 21.54 10.07 11.03
C PHE A 250 20.18 9.89 10.37
N GLU A 251 19.84 8.63 10.08
CA GLU A 251 18.56 8.34 9.45
C GLU A 251 17.42 8.50 10.46
N PRO A 252 16.21 8.79 9.99
CA PRO A 252 15.07 8.85 10.91
C PRO A 252 14.85 7.51 11.59
N GLU A 253 14.41 7.57 12.84
CA GLU A 253 14.15 6.35 13.60
C GLU A 253 13.02 5.56 12.94
N PRO A 254 13.00 4.24 13.09
CA PRO A 254 11.92 3.45 12.49
C PRO A 254 10.57 3.89 13.01
N GLU A 255 9.58 3.88 12.12
CA GLU A 255 8.24 4.33 12.48
C GLU A 255 7.72 3.53 13.67
N ILE A 256 7.16 4.24 14.65
CA ILE A 256 6.69 3.58 15.86
C ILE A 256 5.23 3.15 15.75
N LEU A 257 4.48 3.68 14.79
CA LEU A 257 3.07 3.37 14.63
C LEU A 257 2.86 2.68 13.29
N SER A 258 2.26 1.49 13.32
CA SER A 258 1.98 0.77 12.09
C SER A 258 0.88 1.49 11.31
N PRO A 259 0.90 1.39 9.98
CA PRO A 259 -0.14 2.07 9.19
C PRO A 259 -1.51 1.45 9.42
N LEU A 260 -2.54 2.27 9.24
CA LEU A 260 -3.92 1.82 9.41
C LEU A 260 -4.36 1.12 8.13
N GLN A 261 -3.93 -0.13 7.99
CA GLN A 261 -4.29 -0.89 6.81
C GLN A 261 -5.79 -1.16 6.80
N PRO A 262 -6.43 -1.21 5.62
CA PRO A 262 -7.86 -1.45 5.56
C PRO A 262 -8.20 -2.86 6.01
N PRO A 263 -9.43 -3.08 6.49
CA PRO A 263 -9.81 -4.44 6.91
C PRO A 263 -9.86 -5.39 5.73
N LEU A 264 -10.18 -6.66 5.99
CA LEU A 264 -10.19 -7.65 4.92
C LEU A 264 -11.19 -7.27 3.84
N CYS A 265 -12.40 -6.89 4.24
CA CYS A 265 -13.45 -6.54 3.30
C CYS A 265 -13.45 -5.06 2.90
N GLY A 266 -12.63 -4.24 3.55
CA GLY A 266 -12.50 -2.86 3.17
C GLY A 266 -11.54 -2.69 2.00
N GLN A 267 -11.42 -1.44 1.54
CA GLN A 267 -10.55 -1.12 0.43
C GLN A 267 -9.72 0.13 0.65
N THR A 268 -9.87 0.82 1.78
CA THR A 268 -9.20 2.08 2.02
C THR A 268 -9.08 2.32 3.51
N VAL A 269 -8.23 3.27 3.88
CA VAL A 269 -8.04 3.64 5.29
C VAL A 269 -9.32 4.12 5.95
N CYS A 270 -10.30 4.57 5.16
CA CYS A 270 -11.59 4.96 5.69
C CYS A 270 -12.51 3.76 5.92
N ASP A 271 -12.06 2.55 5.59
CA ASP A 271 -12.77 1.33 5.96
C ASP A 271 -12.26 0.74 7.27
N ASN A 272 -11.24 1.34 7.87
CA ASN A 272 -10.71 0.84 9.13
C ASN A 272 -11.68 1.14 10.26
N VAL A 273 -11.77 0.19 11.21
CA VAL A 273 -12.74 0.33 12.29
C VAL A 273 -12.38 1.52 13.19
N GLU A 274 -11.09 1.73 13.45
CA GLU A 274 -10.70 2.81 14.35
C GLU A 274 -10.99 4.18 13.74
N LEU A 275 -10.57 4.39 12.49
CA LEU A 275 -10.82 5.68 11.85
C LEU A 275 -12.30 5.91 11.61
N ILE A 276 -13.03 4.85 11.25
CA ILE A 276 -14.47 4.98 11.06
C ILE A 276 -15.14 5.35 12.37
N SER A 277 -14.73 4.71 13.47
CA SER A 277 -15.30 5.05 14.77
C SER A 277 -14.98 6.50 15.15
N GLN A 278 -13.76 6.94 14.88
CA GLN A 278 -13.40 8.32 15.18
C GLN A 278 -14.22 9.30 14.35
N TYR A 279 -14.55 8.94 13.11
CA TYR A 279 -15.39 9.80 12.29
C TYR A 279 -16.85 9.79 12.74
N ASN A 280 -17.33 8.65 13.24
CA ASN A 280 -18.69 8.59 13.75
C ASN A 280 -18.84 9.36 15.05
N GLY A 281 -17.79 9.36 15.88
CA GLY A 281 -17.87 9.98 17.19
C GLY A 281 -17.58 11.48 17.20
N TYR A 282 -16.43 11.87 16.66
CA TYR A 282 -16.01 13.27 16.69
C TYR A 282 -16.70 14.03 15.57
N TRP A 283 -17.66 14.89 15.95
CA TRP A 283 -18.50 15.58 14.97
C TRP A 283 -17.75 16.63 14.16
N PRO A 284 -16.63 17.24 14.63
CA PRO A 284 -15.86 18.15 13.76
C PRO A 284 -15.37 17.39 12.52
N LEU A 285 -15.11 16.08 12.65
CA LEU A 285 -14.69 15.29 11.50
C LEU A 285 -15.82 15.06 10.49
N ARG A 286 -17.00 15.63 10.74
CA ARG A 286 -18.14 15.59 9.84
C ARG A 286 -18.68 17.00 9.65
N GLY A 287 -17.78 17.94 9.37
CA GLY A 287 -18.13 19.34 9.31
C GLY A 287 -18.79 19.71 7.99
N GLU A 288 -18.92 21.02 7.79
CA GLU A 288 -19.61 21.58 6.63
C GLU A 288 -18.68 21.56 5.42
N LYS A 289 -18.99 20.71 4.45
CA LYS A 289 -18.24 20.59 3.22
C LYS A 289 -19.12 21.04 2.05
N VAL A 290 -18.52 21.71 1.08
CA VAL A 290 -19.23 22.26 -0.07
C VAL A 290 -18.57 21.69 -1.32
N ILE A 291 -19.11 20.58 -1.83
CA ILE A 291 -18.51 19.95 -3.00
C ILE A 291 -18.79 20.77 -4.25
N ARG A 292 -17.94 20.58 -5.26
CA ARG A 292 -18.13 21.17 -6.58
C ARG A 292 -18.27 20.05 -7.59
N TYR A 293 -19.34 20.11 -8.38
CA TYR A 293 -19.59 19.12 -9.42
C TYR A 293 -19.87 19.83 -10.74
N GLN A 294 -19.43 19.20 -11.82
CA GLN A 294 -19.55 19.77 -13.16
C GLN A 294 -20.54 18.95 -13.98
N VAL A 295 -21.36 19.65 -14.75
CA VAL A 295 -22.37 19.04 -15.61
C VAL A 295 -22.07 19.41 -17.05
N VAL A 296 -21.96 18.41 -17.91
CA VAL A 296 -21.72 18.61 -19.34
C VAL A 296 -23.08 18.78 -20.01
N ASN A 297 -23.43 20.02 -20.32
CA ASN A 297 -24.74 20.29 -20.90
C ASN A 297 -24.92 19.51 -22.20
N ILE A 298 -26.08 18.88 -22.34
CA ILE A 298 -26.41 18.10 -23.53
C ILE A 298 -27.79 18.59 -24.00
N CYS A 299 -27.79 19.57 -24.89
CA CYS A 299 -29.02 20.07 -25.48
C CYS A 299 -28.66 20.80 -26.77
N ASP A 300 -29.58 20.76 -27.73
CA ASP A 300 -29.33 21.38 -29.03
C ASP A 300 -29.03 22.87 -28.86
N ASP A 301 -27.99 23.32 -29.54
CA ASP A 301 -27.56 24.72 -29.46
C ASP A 301 -28.69 25.65 -29.89
N ILE A 307 -32.25 17.53 -24.74
CA ILE A 307 -31.97 16.27 -24.05
C ILE A 307 -31.78 16.55 -22.57
N VAL A 308 -30.87 17.47 -22.24
CA VAL A 308 -30.65 17.93 -20.87
C VAL A 308 -30.77 19.45 -20.91
N SER A 309 -31.96 19.97 -20.64
CA SER A 309 -32.22 21.41 -20.69
C SER A 309 -31.74 22.04 -19.39
N GLU A 310 -32.03 23.33 -19.22
CA GLU A 310 -31.65 24.02 -17.99
C GLU A 310 -32.56 23.65 -16.82
N GLU A 311 -33.84 23.39 -17.10
CA GLU A 311 -34.76 23.02 -16.03
C GLU A 311 -34.34 21.71 -15.37
N GLN A 312 -33.90 20.74 -16.18
CA GLN A 312 -33.41 19.49 -15.61
C GLN A 312 -32.24 19.75 -14.67
N ILE A 313 -31.29 20.57 -15.11
CA ILE A 313 -30.11 20.85 -14.28
C ILE A 313 -30.53 21.52 -12.98
N ARG A 314 -31.41 22.53 -13.07
CA ARG A 314 -31.79 23.27 -11.88
C ARG A 314 -32.54 22.38 -10.89
N LEU A 315 -33.50 21.59 -11.40
CA LEU A 315 -34.26 20.72 -10.51
C LEU A 315 -33.38 19.66 -9.88
N GLN A 316 -32.47 19.06 -10.66
CA GLN A 316 -31.58 18.05 -10.10
C GLN A 316 -30.65 18.65 -9.06
N HIS A 317 -30.14 19.86 -9.31
CA HIS A 317 -29.29 20.52 -8.33
C HIS A 317 -30.06 20.80 -7.04
N GLU A 318 -31.31 21.27 -7.16
CA GLU A 318 -32.11 21.52 -5.97
C GLU A 318 -32.36 20.23 -5.20
N ALA A 319 -32.69 19.15 -5.91
CA ALA A 319 -32.94 17.87 -5.24
C ALA A 319 -31.68 17.36 -4.56
N LEU A 320 -30.53 17.48 -5.22
CA LEU A 320 -29.27 17.06 -4.62
C LEU A 320 -28.97 17.86 -3.36
N ASN A 321 -29.13 19.17 -3.42
CA ASN A 321 -28.88 19.99 -2.24
C ASN A 321 -29.83 19.62 -1.11
N GLU A 322 -31.11 19.44 -1.42
CA GLU A 322 -32.06 19.09 -0.36
C GLU A 322 -31.73 17.74 0.26
N ALA A 323 -31.31 16.77 -0.55
CA ALA A 323 -31.05 15.43 -0.05
C ALA A 323 -29.67 15.29 0.61
N PHE A 324 -28.76 16.24 0.41
CA PHE A 324 -27.42 16.13 0.97
C PHE A 324 -27.03 17.21 1.96
N SER A 325 -27.83 18.28 2.10
CA SER A 325 -27.45 19.36 3.00
C SER A 325 -27.68 19.05 4.46
N ARG A 326 -28.64 18.17 4.78
CA ARG A 326 -28.85 17.77 6.16
C ARG A 326 -27.64 17.04 6.74
N TYR A 327 -26.73 16.57 5.89
CA TYR A 327 -25.50 15.91 6.33
C TYR A 327 -24.29 16.83 6.23
N ASN A 328 -24.51 18.14 6.22
CA ASN A 328 -23.43 19.12 6.14
C ASN A 328 -22.65 18.99 4.83
N ILE A 329 -23.33 18.59 3.76
CA ILE A 329 -22.72 18.48 2.43
C ILE A 329 -23.61 19.24 1.48
N SER A 330 -23.17 20.42 1.05
CA SER A 330 -23.86 21.20 0.03
C SER A 330 -23.07 21.14 -1.27
N TRP A 331 -23.74 21.46 -2.37
CA TRP A 331 -23.17 21.36 -3.70
C TRP A 331 -23.29 22.69 -4.43
N GLN A 332 -22.23 23.06 -5.13
CA GLN A 332 -22.22 24.25 -5.98
C GLN A 332 -22.26 23.81 -7.44
N LEU A 333 -23.11 24.46 -8.23
CA LEU A 333 -23.36 24.06 -9.59
C LEU A 333 -22.36 24.71 -10.54
N SER A 334 -21.79 23.89 -11.43
CA SER A 334 -20.93 24.36 -12.51
C SER A 334 -21.32 23.58 -13.76
N VAL A 335 -21.81 24.28 -14.77
CA VAL A 335 -22.27 23.65 -16.01
C VAL A 335 -21.28 23.98 -17.11
N HIS A 336 -20.76 22.94 -17.76
CA HIS A 336 -19.80 23.08 -18.84
C HIS A 336 -20.52 22.74 -20.14
N GLN A 337 -20.76 23.76 -20.97
CA GLN A 337 -21.47 23.59 -22.23
C GLN A 337 -20.48 23.23 -23.32
N VAL A 338 -20.68 22.09 -23.96
CA VAL A 338 -19.80 21.60 -25.02
C VAL A 338 -20.46 21.89 -26.35
N HIS A 339 -19.93 22.85 -27.09
CA HIS A 339 -20.47 23.23 -28.40
C HIS A 339 -19.75 22.46 -29.51
N ASN A 340 -19.74 21.14 -29.36
CA ASN A 340 -19.16 20.24 -30.35
C ASN A 340 -20.30 19.37 -30.89
N SER A 341 -20.90 19.82 -32.00
CA SER A 341 -22.00 19.08 -32.59
C SER A 341 -21.60 17.65 -32.90
N THR A 342 -20.32 17.43 -33.22
CA THR A 342 -19.84 16.09 -33.52
C THR A 342 -20.17 15.13 -32.38
N LEU A 343 -19.75 15.48 -31.16
CA LEU A 343 -20.10 14.68 -30.00
C LEU A 343 -21.56 14.81 -29.62
N ARG A 344 -22.21 15.92 -29.99
CA ARG A 344 -23.61 16.13 -29.64
C ARG A 344 -24.50 15.07 -30.28
N HIS A 345 -24.27 14.78 -31.56
CA HIS A 345 -25.15 13.84 -32.26
C HIS A 345 -24.92 12.38 -31.89
N ARG A 346 -23.66 11.95 -31.71
CA ARG A 346 -23.43 10.54 -31.44
C ARG A 346 -24.12 10.10 -30.16
N VAL A 347 -24.63 8.88 -30.15
CA VAL A 347 -25.19 8.29 -28.94
C VAL A 347 -24.04 7.73 -28.11
N VAL A 348 -23.98 8.16 -26.85
CA VAL A 348 -22.91 7.75 -25.95
C VAL A 348 -23.42 6.55 -25.14
N LEU A 349 -22.73 5.42 -25.28
CA LEU A 349 -23.12 4.17 -24.65
C LEU A 349 -22.12 3.82 -23.56
N VAL A 350 -22.63 3.41 -22.41
CA VAL A 350 -21.77 3.08 -21.27
C VAL A 350 -21.26 1.65 -21.45
N ASN A 351 -19.94 1.50 -21.42
CA ASN A 351 -19.26 0.20 -21.47
C ASN A 351 -19.35 -0.47 -22.83
N CYS A 352 -19.83 0.23 -23.86
CA CYS A 352 -19.90 -0.32 -25.21
C CYS A 352 -18.81 0.35 -26.05
N GLU A 353 -17.60 -0.21 -25.95
CA GLU A 353 -16.49 0.27 -26.75
C GLU A 353 -16.74 -0.05 -28.23
N PRO A 354 -16.30 0.81 -29.14
CA PRO A 354 -16.55 0.54 -30.57
C PRO A 354 -15.98 -0.78 -31.05
N SER A 355 -14.95 -1.32 -30.39
CA SER A 355 -14.30 -2.54 -30.84
C SER A 355 -14.96 -3.82 -30.35
N LYS A 356 -15.99 -3.72 -29.50
CA LYS A 356 -16.62 -4.93 -28.99
C LYS A 356 -17.43 -5.65 -30.07
N ILE A 357 -18.01 -4.91 -31.00
CA ILE A 357 -18.84 -5.52 -32.04
C ILE A 357 -18.01 -6.51 -32.85
N GLY A 358 -18.57 -7.69 -33.09
CA GLY A 358 -17.89 -8.70 -33.88
C GLY A 358 -17.01 -9.61 -33.06
N ASN A 359 -17.55 -10.18 -31.99
CA ASN A 359 -16.81 -11.08 -31.10
C ASN A 359 -17.52 -12.42 -30.94
N ASP A 360 -18.44 -12.76 -31.83
CA ASP A 360 -19.14 -14.05 -31.81
C ASP A 360 -19.94 -14.25 -30.53
N HIS A 361 -20.21 -13.17 -29.79
CA HIS A 361 -20.96 -13.27 -28.55
C HIS A 361 -21.96 -12.12 -28.49
N CYS A 362 -23.05 -12.34 -27.75
CA CYS A 362 -24.09 -11.33 -27.58
C CYS A 362 -23.69 -10.41 -26.43
N ASP A 363 -23.40 -9.15 -26.76
CA ASP A 363 -22.97 -8.18 -25.76
C ASP A 363 -24.15 -7.35 -25.31
N PRO A 364 -24.60 -7.47 -24.06
CA PRO A 364 -25.77 -6.68 -23.62
C PRO A 364 -25.55 -5.18 -23.74
N GLU A 365 -24.33 -4.70 -23.54
CA GLU A 365 -24.09 -3.26 -23.57
C GLU A 365 -24.13 -2.66 -24.98
N CYS A 366 -24.06 -3.50 -26.01
CA CYS A 366 -24.03 -3.01 -27.39
C CYS A 366 -25.22 -3.48 -28.20
N GLU A 367 -26.34 -3.83 -27.55
CA GLU A 367 -27.55 -4.19 -28.26
C GLU A 367 -28.33 -2.93 -28.64
N HIS A 368 -27.69 -2.02 -29.36
CA HIS A 368 -28.28 -0.76 -29.77
C HIS A 368 -28.63 -0.80 -31.25
N PRO A 369 -29.68 -0.09 -31.68
CA PRO A 369 -29.97 -0.04 -33.12
C PRO A 369 -28.83 0.51 -33.94
N LEU A 370 -28.04 1.43 -33.39
CA LEU A 370 -26.91 2.02 -34.10
C LEU A 370 -25.64 1.19 -34.01
N THR A 371 -25.68 0.06 -33.29
CA THR A 371 -24.53 -0.83 -33.18
C THR A 371 -24.79 -2.18 -33.82
N GLY A 372 -25.92 -2.35 -34.51
CA GLY A 372 -26.25 -3.62 -35.14
C GLY A 372 -26.55 -4.71 -34.14
N THR A 421 -26.28 6.38 -39.52
CA THR A 421 -26.32 5.18 -40.33
C THR A 421 -24.93 4.56 -40.50
N CYS A 422 -23.90 5.29 -40.07
CA CYS A 422 -22.52 4.84 -40.17
C CYS A 422 -22.20 4.01 -38.92
N PHE A 423 -22.25 2.69 -39.06
CA PHE A 423 -21.98 1.78 -37.96
C PHE A 423 -20.54 1.29 -37.91
N ASP A 424 -19.68 1.77 -38.81
CA ASP A 424 -18.31 1.31 -38.85
C ASP A 424 -17.52 1.88 -37.68
N PRO A 425 -16.92 1.05 -36.82
CA PRO A 425 -16.19 1.61 -35.66
C PRO A 425 -15.04 2.51 -36.04
N ASP A 426 -14.38 2.26 -37.16
CA ASP A 426 -13.17 2.99 -37.55
C ASP A 426 -13.46 4.22 -38.40
N SER A 427 -14.69 4.75 -38.33
CA SER A 427 -15.04 5.92 -39.12
C SER A 427 -15.01 7.18 -38.25
N PRO A 428 -14.43 8.28 -38.73
CA PRO A 428 -14.42 9.50 -37.92
C PRO A 428 -15.79 10.14 -37.75
N LYS A 429 -16.77 9.78 -38.58
CA LYS A 429 -18.11 10.36 -38.51
C LYS A 429 -19.15 9.36 -38.02
N ARG A 430 -18.74 8.38 -37.20
CA ARG A 430 -19.68 7.39 -36.70
C ARG A 430 -20.71 8.06 -35.78
N ALA A 431 -21.91 7.47 -35.75
CA ALA A 431 -23.02 8.01 -34.98
C ALA A 431 -23.13 7.42 -33.58
N TYR A 432 -22.22 6.53 -33.20
CA TYR A 432 -22.21 5.94 -31.87
C TYR A 432 -20.81 6.04 -31.27
N MET A 433 -20.74 6.16 -29.96
CA MET A 433 -19.48 6.33 -29.27
C MET A 433 -19.60 5.80 -27.85
N SER A 434 -18.46 5.50 -27.23
CA SER A 434 -18.45 5.04 -25.86
C SER A 434 -18.20 6.21 -24.91
N VAL A 435 -18.67 6.05 -23.67
CA VAL A 435 -18.50 7.11 -22.68
C VAL A 435 -17.02 7.29 -22.35
N LYS A 436 -16.22 6.22 -22.44
CA LYS A 436 -14.78 6.36 -22.25
C LYS A 436 -14.20 7.30 -23.29
N GLU A 437 -14.62 7.16 -24.55
CA GLU A 437 -14.12 8.05 -25.60
C GLU A 437 -14.55 9.48 -25.35
N LEU A 438 -15.79 9.68 -24.89
CA LEU A 438 -16.24 11.03 -24.57
C LEU A 438 -15.39 11.64 -23.46
N LYS A 439 -15.10 10.86 -22.42
CA LYS A 439 -14.27 11.34 -21.33
C LYS A 439 -12.88 11.72 -21.83
N GLU A 440 -12.29 10.86 -22.66
CA GLU A 440 -10.95 11.13 -23.17
C GLU A 440 -10.94 12.37 -24.05
N ALA A 441 -11.95 12.52 -24.90
CA ALA A 441 -11.99 13.69 -25.78
C ALA A 441 -12.19 14.98 -25.00
N LEU A 442 -13.08 14.95 -23.99
CA LEU A 442 -13.37 16.18 -23.25
C LEU A 442 -12.18 16.61 -22.40
N GLN A 443 -11.59 15.68 -21.65
CA GLN A 443 -10.50 15.98 -20.71
C GLN A 443 -10.85 17.21 -19.87
N LEU A 444 -11.95 17.11 -19.14
CA LEU A 444 -12.38 18.19 -18.28
C LEU A 444 -11.53 18.24 -17.01
N ASN A 445 -11.64 19.35 -16.29
CA ASN A 445 -10.91 19.50 -15.04
C ASN A 445 -11.53 18.63 -13.96
N SER A 446 -11.02 17.41 -13.81
CA SER A 446 -11.51 16.48 -12.81
C SER A 446 -10.76 16.58 -11.49
N THR A 447 -9.82 17.52 -11.38
CA THR A 447 -9.05 17.65 -10.15
C THR A 447 -9.75 18.53 -9.13
N HIS A 448 -10.57 19.49 -9.59
CA HIS A 448 -11.30 20.38 -8.71
C HIS A 448 -12.82 20.27 -8.85
N PHE A 449 -13.32 19.36 -9.69
CA PHE A 449 -14.75 19.25 -9.93
C PHE A 449 -15.14 17.78 -9.99
N LEU A 450 -16.40 17.53 -9.67
CA LEU A 450 -17.03 16.22 -9.88
C LEU A 450 -17.84 16.30 -11.16
N ASN A 451 -17.29 15.74 -12.23
CA ASN A 451 -17.87 15.88 -13.57
C ASN A 451 -19.03 14.92 -13.75
N ILE A 452 -20.14 15.43 -14.29
CA ILE A 452 -21.32 14.64 -14.59
C ILE A 452 -21.40 14.48 -16.10
N TYR A 453 -21.52 13.24 -16.55
CA TYR A 453 -21.62 12.91 -17.97
C TYR A 453 -22.97 12.28 -18.25
N PHE A 454 -23.45 12.44 -19.48
CA PHE A 454 -24.78 12.00 -19.88
C PHE A 454 -24.65 11.00 -21.02
N ALA A 455 -24.68 9.71 -20.67
CA ALA A 455 -24.60 8.63 -21.64
C ALA A 455 -25.90 7.82 -21.61
N SER A 456 -26.51 7.65 -22.78
CA SER A 456 -27.78 6.93 -22.89
C SER A 456 -27.49 5.44 -22.96
N SER A 457 -27.62 4.76 -21.82
CA SER A 457 -27.39 3.32 -21.77
C SER A 457 -28.55 2.58 -22.41
N VAL A 458 -28.23 1.49 -23.12
CA VAL A 458 -29.27 0.70 -23.77
C VAL A 458 -30.20 0.09 -22.73
N ARG A 459 -29.64 -0.48 -21.67
CA ARG A 459 -30.45 -1.11 -20.63
C ARG A 459 -31.34 -0.06 -19.97
N GLU A 460 -32.62 -0.40 -19.81
CA GLU A 460 -33.55 0.52 -19.17
C GLU A 460 -33.34 0.58 -17.66
N ASP A 461 -32.91 -0.53 -17.05
CA ASP A 461 -32.68 -0.58 -15.61
C ASP A 461 -31.33 -0.01 -15.19
N LEU A 462 -30.40 0.16 -16.13
CA LEU A 462 -29.07 0.68 -15.83
C LEU A 462 -29.13 2.20 -15.99
N ALA A 463 -29.53 2.87 -14.92
CA ALA A 463 -29.68 4.33 -14.98
C ALA A 463 -28.34 5.01 -15.24
N GLY A 464 -27.28 4.55 -14.59
CA GLY A 464 -25.98 5.19 -14.77
C GLY A 464 -24.90 4.42 -14.04
N ALA A 465 -23.78 5.12 -13.85
CA ALA A 465 -22.61 4.52 -13.19
C ALA A 465 -21.81 5.61 -12.52
N ALA A 466 -20.98 5.19 -11.56
CA ALA A 466 -20.15 6.10 -10.78
C ALA A 466 -18.80 5.45 -10.52
N THR A 467 -17.81 6.29 -10.22
CA THR A 467 -16.43 5.85 -10.00
C THR A 467 -16.15 5.74 -8.52
N TRP A 468 -15.54 4.62 -8.12
CA TRP A 468 -15.19 4.41 -6.72
C TRP A 468 -14.06 5.34 -6.31
N PRO A 469 -14.03 5.78 -5.04
CA PRO A 469 -12.85 6.52 -4.57
C PRO A 469 -11.56 5.73 -4.65
N TRP A 470 -11.61 4.42 -4.47
CA TRP A 470 -10.42 3.59 -4.45
C TRP A 470 -10.02 3.10 -5.83
N ASP A 471 -10.69 3.56 -6.88
CA ASP A 471 -10.27 3.29 -8.25
C ASP A 471 -9.27 4.35 -8.69
N LYS A 472 -8.39 3.95 -9.62
CA LYS A 472 -7.26 4.80 -9.99
C LYS A 472 -7.68 6.12 -10.62
N ASP A 473 -8.92 6.23 -11.09
CA ASP A 473 -9.37 7.41 -11.82
C ASP A 473 -10.40 8.21 -11.02
N ALA A 474 -10.25 8.24 -9.70
CA ALA A 474 -11.22 8.95 -8.86
C ALA A 474 -11.23 10.45 -9.16
N VAL A 475 -10.05 11.05 -9.31
CA VAL A 475 -9.92 12.48 -9.49
C VAL A 475 -9.40 12.85 -10.87
N THR A 476 -9.15 11.88 -11.74
CA THR A 476 -8.66 12.15 -13.08
C THR A 476 -9.83 12.34 -14.04
N HIS A 477 -9.51 12.75 -15.27
CA HIS A 477 -10.54 13.07 -16.25
C HIS A 477 -11.47 11.89 -16.52
N LEU A 478 -11.00 10.67 -16.31
CA LEU A 478 -11.81 9.48 -16.54
C LEU A 478 -12.82 9.24 -15.43
N GLY A 479 -12.80 10.02 -14.36
CA GLY A 479 -13.71 9.84 -13.24
C GLY A 479 -14.89 10.79 -13.30
N GLY A 480 -15.93 10.41 -12.57
CA GLY A 480 -17.16 11.16 -12.50
C GLY A 480 -18.35 10.23 -12.48
N ILE A 481 -19.52 10.79 -12.72
CA ILE A 481 -20.77 10.04 -12.76
C ILE A 481 -21.37 10.17 -14.14
N VAL A 482 -21.84 9.05 -14.69
CA VAL A 482 -22.58 9.03 -15.95
C VAL A 482 -24.03 8.73 -15.63
N LEU A 483 -24.93 9.58 -16.12
CA LEU A 483 -26.35 9.47 -15.80
C LEU A 483 -27.17 9.64 -17.07
N SER A 484 -28.26 8.89 -17.16
CA SER A 484 -29.14 8.99 -18.32
C SER A 484 -29.79 10.37 -18.36
N PRO A 485 -29.83 11.04 -19.51
CA PRO A 485 -30.50 12.35 -19.56
C PRO A 485 -31.97 12.28 -19.17
N ALA A 486 -32.67 11.20 -19.52
CA ALA A 486 -34.09 11.10 -19.22
C ALA A 486 -34.35 10.90 -17.73
N TYR A 487 -33.33 10.54 -16.96
CA TYR A 487 -33.46 10.33 -15.52
C TYR A 487 -32.71 11.38 -14.72
N TYR A 488 -32.38 12.52 -15.33
CA TYR A 488 -31.60 13.58 -14.70
C TYR A 488 -32.47 14.83 -14.61
N GLY A 489 -32.94 15.14 -13.40
CA GLY A 489 -33.70 16.35 -13.16
C GLY A 489 -35.19 16.24 -13.44
N MET A 490 -35.65 15.13 -14.01
CA MET A 490 -37.07 14.95 -14.21
C MET A 490 -37.75 14.64 -12.88
N PRO A 491 -38.93 15.19 -12.60
CA PRO A 491 -39.60 14.86 -11.34
C PRO A 491 -39.83 13.36 -11.21
N GLY A 492 -39.64 12.85 -10.00
CA GLY A 492 -39.80 11.44 -9.74
C GLY A 492 -38.59 10.58 -10.07
N HIS A 493 -37.46 11.20 -10.47
CA HIS A 493 -36.27 10.43 -10.79
C HIS A 493 -34.99 11.10 -10.28
N THR A 494 -35.09 12.15 -9.46
CA THR A 494 -33.92 12.86 -8.99
C THR A 494 -33.07 12.05 -8.01
N ASP A 495 -33.61 10.94 -7.48
CA ASP A 495 -32.87 10.16 -6.49
C ASP A 495 -31.84 9.23 -7.10
N THR A 496 -31.91 8.97 -8.41
CA THR A 496 -30.89 8.14 -9.04
C THR A 496 -29.53 8.82 -9.00
N MET A 497 -29.48 10.12 -9.25
CA MET A 497 -28.21 10.82 -9.15
C MET A 497 -27.71 10.84 -7.72
N ILE A 498 -28.61 10.90 -6.75
CA ILE A 498 -28.20 10.83 -5.35
C ILE A 498 -27.59 9.47 -5.05
N HIS A 499 -28.20 8.41 -5.58
CA HIS A 499 -27.62 7.07 -5.42
C HIS A 499 -26.23 7.01 -6.02
N GLN A 500 -26.07 7.54 -7.24
CA GLN A 500 -24.77 7.47 -7.90
C GLN A 500 -23.73 8.32 -7.18
N VAL A 501 -24.14 9.48 -6.66
CA VAL A 501 -23.22 10.33 -5.91
C VAL A 501 -22.79 9.64 -4.63
N GLY A 502 -23.72 8.98 -3.94
CA GLY A 502 -23.34 8.18 -2.80
C GLY A 502 -22.35 7.08 -3.18
N HIS A 503 -22.55 6.49 -4.35
CA HIS A 503 -21.56 5.53 -4.84
C HIS A 503 -20.20 6.19 -5.04
N VAL A 504 -20.21 7.45 -5.50
CA VAL A 504 -18.95 8.17 -5.70
C VAL A 504 -18.22 8.34 -4.39
N LEU A 505 -18.94 8.65 -3.32
CA LEU A 505 -18.35 8.98 -2.02
C LEU A 505 -18.11 7.74 -1.16
N GLY A 506 -17.93 6.57 -1.78
CA GLY A 506 -17.46 5.41 -1.08
C GLY A 506 -18.52 4.51 -0.48
N LEU A 507 -19.79 4.73 -0.80
CA LEU A 507 -20.88 3.95 -0.23
C LEU A 507 -21.20 2.77 -1.13
N TYR A 508 -21.16 1.56 -0.57
CA TYR A 508 -21.60 0.38 -1.29
C TYR A 508 -23.13 0.33 -1.27
N HIS A 509 -23.69 -0.81 -1.65
CA HIS A 509 -25.13 -1.03 -1.62
C HIS A 509 -25.53 -1.65 -0.29
N VAL A 510 -26.66 -1.18 0.24
CA VAL A 510 -27.15 -1.72 1.52
C VAL A 510 -27.34 -3.23 1.43
N PHE A 511 -27.58 -3.74 0.23
CA PHE A 511 -27.73 -5.18 0.04
C PHE A 511 -26.39 -5.87 -0.19
N LYS A 512 -25.28 -5.16 -0.06
CA LYS A 512 -23.97 -5.79 -0.12
C LYS A 512 -23.82 -6.79 1.03
N GLY A 513 -23.28 -7.96 0.72
CA GLY A 513 -23.08 -9.01 1.69
C GLY A 513 -24.16 -10.08 1.70
N VAL A 514 -25.36 -9.76 1.22
CA VAL A 514 -26.43 -10.74 1.08
C VAL A 514 -26.84 -10.93 -0.37
N SER A 515 -26.87 -9.84 -1.14
CA SER A 515 -27.15 -9.92 -2.57
C SER A 515 -25.86 -9.99 -3.39
N GLU A 516 -24.93 -9.06 -3.15
CA GLU A 516 -23.67 -9.01 -3.88
C GLU A 516 -22.59 -9.77 -3.13
N ARG A 517 -22.85 -11.06 -2.89
CA ARG A 517 -21.93 -11.94 -2.20
C ARG A 517 -21.57 -13.11 -3.12
N GLU A 518 -20.31 -13.53 -3.04
CA GLU A 518 -19.81 -14.57 -3.94
C GLU A 518 -20.25 -15.95 -3.48
N SER A 519 -19.83 -16.36 -2.28
CA SER A 519 -20.10 -17.69 -1.77
C SER A 519 -20.49 -17.60 -0.31
N CYS A 520 -20.93 -18.75 0.24
CA CYS A 520 -21.31 -18.81 1.65
C CYS A 520 -20.14 -18.52 2.57
N ASN A 521 -18.91 -18.67 2.09
CA ASN A 521 -17.71 -18.41 2.87
C ASN A 521 -17.23 -16.96 2.72
N ASP A 522 -18.00 -16.12 2.05
CA ASP A 522 -17.59 -14.73 1.84
C ASP A 522 -17.52 -14.02 3.17
N PRO A 523 -16.35 -13.49 3.61
CA PRO A 523 -16.25 -12.76 4.87
C PRO A 523 -17.14 -11.52 4.91
N CYS A 524 -17.35 -10.87 3.76
CA CYS A 524 -18.14 -9.65 3.71
C CYS A 524 -19.63 -9.89 3.94
N LYS A 525 -20.06 -11.15 3.99
CA LYS A 525 -21.48 -11.43 4.20
C LYS A 525 -21.95 -10.78 5.50
N GLU A 526 -23.06 -10.04 5.41
CA GLU A 526 -23.59 -9.26 6.52
C GLU A 526 -24.73 -10.04 7.17
N THR A 527 -24.38 -10.88 8.14
CA THR A 527 -25.39 -11.58 8.93
C THR A 527 -25.86 -10.78 10.13
N VAL A 528 -24.99 -9.93 10.68
CA VAL A 528 -25.34 -9.08 11.81
C VAL A 528 -24.85 -7.67 11.51
N PRO A 529 -25.48 -6.63 12.08
CA PRO A 529 -24.97 -5.27 11.88
C PRO A 529 -23.51 -5.14 12.29
N SER A 530 -22.63 -4.88 11.33
CA SER A 530 -21.20 -4.86 11.58
C SER A 530 -20.55 -3.80 10.71
N MET A 531 -19.35 -3.39 11.11
CA MET A 531 -18.56 -2.39 10.41
C MET A 531 -17.47 -3.01 9.54
N GLU A 532 -17.46 -4.34 9.41
CA GLU A 532 -16.44 -5.02 8.62
C GLU A 532 -17.02 -5.98 7.58
N THR A 533 -18.34 -6.04 7.44
CA THR A 533 -18.99 -6.94 6.50
C THR A 533 -20.09 -6.18 5.76
N GLY A 534 -20.40 -6.66 4.56
CA GLY A 534 -21.43 -6.01 3.76
C GLY A 534 -20.96 -4.65 3.29
N ASP A 535 -21.80 -3.63 3.53
CA ASP A 535 -21.50 -2.27 3.10
C ASP A 535 -20.69 -1.50 4.13
N LEU A 536 -20.05 -2.19 5.08
CA LEU A 536 -19.20 -1.55 6.08
C LEU A 536 -19.95 -0.46 6.84
N CYS A 537 -21.20 -0.75 7.19
CA CYS A 537 -22.01 0.16 7.99
C CYS A 537 -22.88 -0.65 8.93
N ALA A 538 -22.83 -0.29 10.21
CA ALA A 538 -23.61 -1.02 11.21
C ALA A 538 -25.09 -0.63 11.17
N ASP A 539 -25.39 0.64 10.92
CA ASP A 539 -26.79 1.08 10.92
C ASP A 539 -27.59 0.38 9.83
N THR A 540 -26.96 0.09 8.70
CA THR A 540 -27.64 -0.52 7.57
C THR A 540 -27.79 -2.02 7.83
N ALA A 541 -29.02 -2.46 8.08
CA ALA A 541 -29.27 -3.87 8.29
C ALA A 541 -29.16 -4.64 6.97
N PRO A 542 -28.89 -5.94 7.03
CA PRO A 542 -28.73 -6.72 5.79
C PRO A 542 -30.08 -6.98 5.13
N THR A 543 -30.18 -6.61 3.85
CA THR A 543 -31.38 -6.83 3.07
C THR A 543 -31.00 -7.32 1.67
N PRO A 544 -31.76 -8.26 1.11
CA PRO A 544 -31.50 -8.66 -0.28
C PRO A 544 -31.97 -7.58 -1.25
N LYS A 545 -31.40 -7.62 -2.45
CA LYS A 545 -31.79 -6.68 -3.48
C LYS A 545 -33.26 -6.85 -3.81
N SER A 546 -34.08 -5.89 -3.44
CA SER A 546 -35.52 -5.94 -3.68
C SER A 546 -36.03 -4.57 -4.06
N GLU A 547 -36.97 -4.52 -5.00
CA GLU A 547 -37.54 -3.27 -5.47
C GLU A 547 -38.77 -2.85 -4.66
N LEU A 548 -39.26 -3.71 -3.77
CA LEU A 548 -40.41 -3.37 -2.95
C LEU A 548 -39.98 -2.51 -1.77
N CYS A 549 -40.79 -1.49 -1.46
CA CYS A 549 -40.55 -0.66 -0.28
C CYS A 549 -41.20 -1.27 0.95
N ARG A 550 -40.89 -2.55 1.19
CA ARG A 550 -41.32 -3.26 2.38
C ARG A 550 -40.27 -4.29 2.71
N GLU A 551 -40.30 -4.78 3.94
CA GLU A 551 -39.31 -5.74 4.38
C GLU A 551 -39.37 -6.99 3.51
N PRO A 552 -38.28 -7.39 2.86
CA PRO A 552 -38.35 -8.54 1.95
C PRO A 552 -38.78 -9.80 2.68
N GLU A 553 -39.20 -10.79 1.89
CA GLU A 553 -39.61 -12.08 2.43
C GLU A 553 -38.40 -12.94 2.75
N PRO A 554 -38.56 -13.95 3.61
CA PRO A 554 -37.42 -14.82 3.94
C PRO A 554 -36.96 -15.64 2.75
N THR A 555 -35.74 -15.41 2.29
CA THR A 555 -35.18 -16.16 1.17
C THR A 555 -34.55 -17.46 1.66
N THR A 562 -32.65 -17.26 6.02
CA THR A 562 -32.26 -16.05 6.71
C THR A 562 -33.37 -15.01 6.67
N ARG A 563 -33.59 -14.33 7.80
CA ARG A 563 -34.61 -13.30 7.91
C ARG A 563 -33.96 -11.92 7.85
N PHE A 564 -34.74 -10.93 7.43
CA PHE A 564 -34.26 -9.56 7.26
C PHE A 564 -35.18 -8.60 8.00
N PRO A 565 -35.15 -8.59 9.32
CA PRO A 565 -35.92 -7.60 10.08
C PRO A 565 -35.29 -6.22 10.00
N GLY A 566 -36.15 -5.21 9.94
CA GLY A 566 -35.67 -3.83 9.89
C GLY A 566 -34.84 -3.53 8.66
N ALA A 567 -35.25 -4.01 7.50
CA ALA A 567 -34.49 -3.75 6.28
C ALA A 567 -34.49 -2.26 5.97
N PRO A 568 -33.35 -1.69 5.54
CA PRO A 568 -33.30 -0.25 5.24
C PRO A 568 -33.73 0.08 3.81
N PHE A 569 -35.00 -0.17 3.51
CA PHE A 569 -35.53 0.16 2.19
C PHE A 569 -35.67 1.67 1.98
N THR A 570 -35.53 2.47 3.04
CA THR A 570 -35.60 3.92 2.93
C THR A 570 -34.25 4.54 2.59
N ASN A 571 -33.17 3.76 2.57
CA ASN A 571 -31.85 4.31 2.32
C ASN A 571 -31.68 4.67 0.85
N TYR A 572 -30.93 5.73 0.59
CA TYR A 572 -30.71 6.20 -0.77
C TYR A 572 -29.98 5.16 -1.61
N MET A 573 -29.15 4.32 -0.99
CA MET A 573 -28.33 3.34 -1.70
C MET A 573 -29.04 2.02 -1.90
N SER A 574 -30.37 2.02 -1.94
CA SER A 574 -31.16 0.84 -2.23
C SER A 574 -31.80 0.99 -3.61
N TYR A 575 -32.11 -0.16 -4.23
CA TYR A 575 -32.71 -0.18 -5.56
C TYR A 575 -34.20 0.13 -5.54
N THR A 576 -34.74 0.59 -4.41
CA THR A 576 -36.15 0.91 -4.32
C THR A 576 -36.42 2.27 -4.98
N ASP A 577 -37.66 2.46 -5.43
CA ASP A 577 -38.03 3.62 -6.22
C ASP A 577 -37.81 4.92 -5.47
N ASP A 578 -37.96 6.04 -6.18
CA ASP A 578 -37.64 7.34 -5.61
C ASP A 578 -38.54 7.67 -4.43
N ASN A 579 -39.80 7.24 -4.49
CA ASN A 579 -40.84 7.77 -3.61
C ASN A 579 -40.59 7.49 -2.13
N CYS A 580 -39.70 6.55 -1.79
CA CYS A 580 -39.51 6.20 -0.39
C CYS A 580 -38.06 6.08 0.04
N THR A 581 -37.11 6.13 -0.88
CA THR A 581 -35.70 6.25 -0.49
C THR A 581 -35.39 7.71 -0.17
N ASP A 582 -35.08 8.00 1.10
CA ASP A 582 -35.02 9.38 1.57
C ASP A 582 -33.82 9.74 2.43
N ASN A 583 -33.13 8.78 3.05
CA ASN A 583 -32.19 9.11 4.11
C ASN A 583 -30.87 8.37 3.94
N PHE A 584 -29.83 8.96 4.53
CA PHE A 584 -28.53 8.31 4.72
C PHE A 584 -28.33 8.10 6.21
N THR A 585 -27.87 6.91 6.58
CA THR A 585 -27.62 6.62 7.98
C THR A 585 -26.38 7.36 8.47
N PRO A 586 -26.24 7.57 9.78
CA PRO A 586 -25.05 8.30 10.28
C PRO A 586 -23.74 7.62 9.90
N ASN A 587 -23.70 6.29 9.84
CA ASN A 587 -22.49 5.61 9.40
C ASN A 587 -22.16 5.97 7.96
N GLN A 588 -23.17 5.99 7.10
CA GLN A 588 -22.95 6.35 5.70
C GLN A 588 -22.50 7.80 5.58
N VAL A 589 -23.06 8.69 6.40
CA VAL A 589 -22.64 10.09 6.39
C VAL A 589 -21.19 10.21 6.81
N ALA A 590 -20.81 9.47 7.85
CA ALA A 590 -19.39 9.47 8.28
C ALA A 590 -18.53 9.01 7.10
N ARG A 591 -18.95 7.96 6.40
CA ARG A 591 -18.20 7.48 5.21
C ARG A 591 -18.13 8.62 4.19
N MET A 592 -19.28 9.23 3.88
CA MET A 592 -19.34 10.34 2.89
C MET A 592 -18.28 11.39 3.24
N HIS A 593 -18.06 11.63 4.54
CA HIS A 593 -17.12 12.67 4.95
C HIS A 593 -15.69 12.16 4.97
N CYS A 594 -15.48 10.90 5.38
CA CYS A 594 -14.14 10.34 5.39
C CYS A 594 -13.55 10.29 3.99
N TYR A 595 -14.35 9.87 3.00
CA TYR A 595 -13.86 9.80 1.63
C TYR A 595 -13.83 11.16 0.95
N LEU A 596 -14.57 12.15 1.47
CA LEU A 596 -14.43 13.51 0.98
C LEU A 596 -13.13 14.13 1.47
N ASP A 597 -12.73 13.84 2.71
CA ASP A 597 -11.46 14.33 3.21
C ASP A 597 -10.29 13.56 2.59
N LEU A 598 -10.41 12.25 2.44
CA LEU A 598 -9.28 11.43 2.01
C LEU A 598 -8.91 11.71 0.56
N VAL A 599 -9.85 11.49 -0.35
CA VAL A 599 -9.57 11.49 -1.79
C VAL A 599 -9.99 12.80 -2.44
N TYR A 600 -11.20 13.28 -2.15
CA TYR A 600 -11.80 14.40 -2.85
C TYR A 600 -11.63 15.71 -2.12
N GLN A 601 -10.50 15.93 -1.45
CA GLN A 601 -10.30 17.19 -0.75
C GLN A 601 -10.33 18.37 -1.72
N GLN A 602 -9.78 18.18 -2.92
CA GLN A 602 -9.69 19.28 -3.88
C GLN A 602 -11.05 19.71 -4.40
N TRP A 603 -12.05 18.81 -4.36
CA TRP A 603 -13.37 19.18 -4.87
C TRP A 603 -14.03 20.25 -4.02
N THR A 604 -13.82 20.21 -2.71
CA THR A 604 -14.44 21.18 -1.83
C THR A 604 -13.79 22.55 -2.01
N GLU A 605 -14.52 23.60 -1.62
CA GLU A 605 -14.01 24.96 -1.70
C GLU A 605 -13.14 25.34 -0.51
N SER A 606 -13.01 24.45 0.48
CA SER A 606 -12.22 24.78 1.67
C SER A 606 -10.73 24.62 1.38
N ARG A 607 -9.96 25.65 1.74
CA ARG A 607 -8.51 25.57 1.66
C ARG A 607 -7.90 24.92 2.90
N LYS A 608 -8.71 24.58 3.88
CA LYS A 608 -8.20 24.00 5.12
C LYS A 608 -7.73 22.57 4.85
N PRO A 609 -6.51 22.20 5.26
CA PRO A 609 -6.08 20.82 5.06
C PRO A 609 -6.98 19.86 5.82
N THR A 610 -7.04 18.63 5.32
CA THR A 610 -7.87 17.61 5.92
C THR A 610 -7.52 17.43 7.40
N PRO A 611 -8.36 16.74 8.19
CA PRO A 611 -8.12 16.56 9.62
C PRO A 611 -7.29 15.32 9.93
N ILE A 612 -6.45 15.38 10.97
CA ILE A 612 -5.64 14.25 11.40
C ILE A 612 -6.57 13.13 11.88
N PRO A 613 -6.49 11.92 11.31
CA PRO A 613 -7.57 10.95 11.51
C PRO A 613 -7.66 10.41 12.94
N ILE A 614 -6.54 10.03 13.51
CA ILE A 614 -6.51 9.36 14.82
C ILE A 614 -5.95 10.35 15.84
N PRO A 615 -6.46 10.37 17.07
CA PRO A 615 -5.92 11.30 18.06
C PRO A 615 -4.46 10.98 18.36
N PRO A 616 -3.68 11.98 18.76
CA PRO A 616 -2.28 11.71 19.13
C PRO A 616 -2.22 10.72 20.29
N MET A 617 -1.16 9.91 20.30
CA MET A 617 -0.96 8.93 21.35
C MET A 617 0.42 9.13 21.97
N VAL A 618 0.52 8.77 23.25
CA VAL A 618 1.74 8.98 24.02
C VAL A 618 2.67 7.79 23.79
N ILE A 619 3.89 8.07 23.36
CA ILE A 619 4.90 7.05 23.13
C ILE A 619 6.02 7.09 24.16
N GLY A 620 6.13 8.15 24.96
CA GLY A 620 7.14 8.24 25.98
C GLY A 620 6.74 9.19 27.09
N GLN A 621 7.02 8.82 28.34
CA GLN A 621 6.62 9.63 29.49
C GLN A 621 7.73 9.64 30.52
N THR A 622 7.96 10.81 31.11
CA THR A 622 8.90 10.99 32.20
C THR A 622 8.21 11.78 33.32
N ASN A 623 8.95 12.03 34.39
CA ASN A 623 8.42 12.81 35.51
C ASN A 623 8.30 14.30 35.20
N LYS A 624 8.84 14.74 34.06
CA LYS A 624 8.78 16.15 33.69
C LYS A 624 8.36 16.39 32.24
N SER A 625 8.36 15.37 31.38
CA SER A 625 8.05 15.57 29.97
C SER A 625 7.16 14.46 29.45
N LEU A 626 6.40 14.78 28.40
CA LEU A 626 5.52 13.83 27.73
C LEU A 626 5.71 13.95 26.23
N THR A 627 5.81 12.83 25.53
CA THR A 627 6.00 12.80 24.09
C THR A 627 4.74 12.24 23.43
N ILE A 628 4.16 13.01 22.52
CA ILE A 628 2.95 12.65 21.81
C ILE A 628 3.26 12.55 20.32
N HIS A 629 2.79 11.46 19.70
CA HIS A 629 2.96 11.22 18.28
C HIS A 629 1.60 11.24 17.60
N TRP A 630 1.57 11.71 16.35
CA TRP A 630 0.31 11.84 15.64
C TRP A 630 0.51 11.53 14.16
N LEU A 631 -0.50 10.92 13.55
CA LEU A 631 -0.46 10.63 12.14
C LEU A 631 -0.64 11.90 11.32
N PRO A 632 -0.22 11.91 10.06
CA PRO A 632 -0.37 13.10 9.22
C PRO A 632 -1.82 13.29 8.80
N PRO A 633 -2.12 14.31 8.00
CA PRO A 633 -3.49 14.47 7.52
C PRO A 633 -3.98 13.23 6.79
N ILE A 634 -5.27 12.96 6.93
CA ILE A 634 -5.84 11.73 6.37
C ILE A 634 -5.57 11.65 4.88
N SER A 635 -5.71 12.77 4.16
CA SER A 635 -5.47 12.76 2.73
C SER A 635 -4.05 12.31 2.40
N GLY A 636 -3.11 12.50 3.32
CA GLY A 636 -1.72 12.16 3.09
C GLY A 636 -0.88 13.27 2.51
N VAL A 637 -1.47 14.40 2.17
CA VAL A 637 -0.73 15.53 1.62
C VAL A 637 -0.07 16.27 2.78
N VAL A 638 1.25 16.39 2.72
CA VAL A 638 2.03 17.02 3.78
C VAL A 638 2.64 18.33 3.30
N TYR A 639 2.08 18.93 2.25
CA TYR A 639 2.58 20.18 1.70
C TYR A 639 1.40 21.12 1.48
N ASP A 640 1.71 22.40 1.33
CA ASP A 640 0.69 23.41 1.03
C ASP A 640 0.16 23.12 -0.38
N ARG A 641 -1.04 22.53 -0.44
CA ARG A 641 -1.59 22.06 -1.70
C ARG A 641 -2.14 23.24 -2.48
N ALA A 642 -1.43 23.64 -3.53
CA ALA A 642 -1.88 24.70 -4.43
C ALA A 642 -2.38 24.07 -5.73
N SER A 643 -3.50 24.58 -6.22
CA SER A 643 -4.11 24.02 -7.42
C SER A 643 -3.13 24.08 -8.58
N GLY A 644 -3.00 22.97 -9.30
CA GLY A 644 -2.10 22.87 -10.43
C GLY A 644 -0.66 22.56 -10.08
N SER A 645 -0.32 22.46 -8.79
CA SER A 645 1.04 22.18 -8.37
C SER A 645 1.25 20.67 -8.20
N LEU A 646 2.50 20.29 -7.99
CA LEU A 646 2.88 18.90 -7.78
C LEU A 646 3.06 18.56 -6.31
N CYS A 647 2.70 19.47 -5.40
CA CYS A 647 2.94 19.25 -3.98
C CYS A 647 2.18 18.06 -3.43
N GLY A 648 1.16 17.59 -4.13
CA GLY A 648 0.38 16.46 -3.63
C GLY A 648 1.19 15.18 -3.52
N ALA A 649 2.12 14.96 -4.45
CA ALA A 649 2.89 13.72 -4.52
C ALA A 649 4.24 13.83 -3.83
N CYS A 650 4.52 14.94 -3.14
CA CYS A 650 5.83 15.17 -2.53
C CYS A 650 5.82 14.70 -1.08
N THR A 651 6.80 13.87 -0.73
CA THR A 651 6.97 13.43 0.65
C THR A 651 7.62 14.55 1.47
N GLU A 652 7.55 14.41 2.79
CA GLU A 652 7.96 15.48 3.69
C GLU A 652 9.41 15.89 3.47
N ASP A 653 10.26 15.01 2.97
CA ASP A 653 11.68 15.30 2.78
C ASP A 653 12.01 15.73 1.36
N GLY A 654 10.99 16.00 0.54
CA GLY A 654 11.21 16.44 -0.83
C GLY A 654 11.09 15.34 -1.87
N THR A 655 11.03 14.08 -1.46
CA THR A 655 10.88 12.99 -2.41
C THR A 655 9.67 13.24 -3.30
N PHE A 656 9.67 12.57 -4.46
CA PHE A 656 8.60 12.72 -5.45
C PHE A 656 8.20 11.34 -5.93
N ARG A 657 7.01 10.90 -5.55
CA ARG A 657 6.48 9.59 -5.94
C ARG A 657 5.45 9.79 -7.05
N GLN A 658 5.66 9.11 -8.17
CA GLN A 658 4.74 9.23 -9.29
C GLN A 658 4.52 7.88 -9.94
N TYR A 659 3.27 7.59 -10.28
CA TYR A 659 2.93 6.34 -10.94
C TYR A 659 3.07 6.50 -12.46
N VAL A 660 2.83 5.40 -13.17
CA VAL A 660 2.96 5.43 -14.63
C VAL A 660 2.01 6.47 -15.21
N HIS A 661 2.49 7.21 -16.21
CA HIS A 661 1.67 8.18 -16.91
C HIS A 661 1.28 7.73 -18.32
N THR A 662 2.04 6.82 -18.92
CA THR A 662 1.75 6.31 -20.25
C THR A 662 2.24 4.88 -20.32
N ALA A 663 1.66 4.11 -21.24
CA ALA A 663 2.04 2.71 -21.39
C ALA A 663 1.91 2.32 -22.85
N SER A 664 2.59 1.23 -23.22
CA SER A 664 2.56 0.72 -24.58
C SER A 664 3.09 -0.70 -24.57
N SER A 665 2.81 -1.42 -25.65
CA SER A 665 3.29 -2.79 -25.81
C SER A 665 3.44 -3.08 -27.29
N ARG A 666 4.59 -3.62 -27.68
CA ARG A 666 4.87 -3.92 -29.08
C ARG A 666 4.08 -5.13 -29.59
N ARG A 667 3.48 -5.91 -28.69
CA ARG A 667 2.58 -6.97 -29.13
C ARG A 667 1.30 -6.37 -29.69
N VAL A 668 0.49 -7.21 -30.33
CA VAL A 668 -0.75 -6.74 -30.93
C VAL A 668 -1.58 -6.07 -29.85
N CYS A 669 -1.87 -4.78 -30.06
CA CYS A 669 -2.66 -4.01 -29.10
C CYS A 669 -4.12 -4.40 -29.25
N ASP A 670 -4.57 -5.30 -28.37
CA ASP A 670 -5.96 -5.76 -28.44
C ASP A 670 -6.90 -4.59 -28.34
N SER A 671 -7.87 -4.53 -29.26
CA SER A 671 -8.86 -3.47 -29.28
C SER A 671 -10.05 -3.75 -28.37
N SER A 672 -10.10 -4.92 -27.74
CA SER A 672 -11.21 -5.24 -26.86
C SER A 672 -11.25 -4.34 -25.62
N GLY A 673 -10.14 -3.68 -25.30
CA GLY A 673 -10.08 -2.82 -24.14
C GLY A 673 -9.70 -3.52 -22.85
N TYR A 674 -9.56 -4.84 -22.87
CA TYR A 674 -9.19 -5.60 -21.68
C TYR A 674 -7.69 -5.87 -21.70
N TRP A 675 -7.05 -5.75 -20.54
CA TRP A 675 -5.61 -5.96 -20.41
C TRP A 675 -4.84 -5.01 -21.33
N THR A 676 -5.39 -3.81 -21.51
CA THR A 676 -4.72 -2.77 -22.28
C THR A 676 -3.60 -2.15 -21.46
N PRO A 677 -2.60 -1.55 -22.11
CA PRO A 677 -1.52 -0.91 -21.34
C PRO A 677 -2.03 0.12 -20.35
N GLU A 678 -3.17 0.75 -20.62
CA GLU A 678 -3.74 1.69 -19.65
C GLU A 678 -4.08 1.00 -18.33
N GLU A 679 -4.23 -0.32 -18.32
CA GLU A 679 -4.46 -1.05 -17.09
C GLU A 679 -3.22 -1.07 -16.20
N ALA A 680 -2.04 -0.81 -16.75
CA ALA A 680 -0.81 -0.67 -15.98
C ALA A 680 -0.46 0.78 -15.73
N VAL A 681 -1.47 1.64 -15.62
CA VAL A 681 -1.28 3.07 -15.42
C VAL A 681 -1.93 3.46 -14.10
N GLY A 682 -1.41 4.52 -13.48
CA GLY A 682 -1.95 5.02 -12.24
C GLY A 682 -1.66 4.10 -11.08
N PRO A 683 -2.28 4.37 -9.94
CA PRO A 683 -2.04 3.56 -8.74
C PRO A 683 -2.47 2.12 -8.95
N PRO A 684 -1.93 1.19 -8.17
CA PRO A 684 -2.32 -0.22 -8.34
C PRO A 684 -3.80 -0.42 -8.09
N ASP A 685 -4.38 -1.39 -8.82
CA ASP A 685 -5.81 -1.63 -8.79
C ASP A 685 -6.19 -3.05 -8.39
N VAL A 686 -5.29 -4.02 -8.50
CA VAL A 686 -5.64 -5.41 -8.27
C VAL A 686 -6.07 -5.57 -6.82
N ASP A 687 -7.36 -5.89 -6.62
CA ASP A 687 -7.87 -6.07 -5.26
C ASP A 687 -7.21 -7.26 -4.58
N GLN A 688 -7.09 -8.38 -5.30
CA GLN A 688 -6.47 -9.61 -4.78
C GLN A 688 -5.18 -9.85 -5.54
N PRO A 689 -4.03 -9.43 -5.01
CA PRO A 689 -2.78 -9.67 -5.73
C PRO A 689 -2.47 -11.15 -5.89
N CYS A 690 -1.76 -11.45 -6.98
CA CYS A 690 -1.13 -12.74 -7.26
C CYS A 690 -2.16 -13.74 -7.76
N GLU A 691 -3.35 -13.27 -8.13
CA GLU A 691 -4.35 -14.08 -8.82
C GLU A 691 -4.76 -13.36 -10.11
N PRO A 692 -5.24 -14.11 -11.11
CA PRO A 692 -5.60 -13.46 -12.38
C PRO A 692 -6.63 -12.36 -12.15
N SER A 693 -6.43 -11.25 -12.86
CA SER A 693 -7.28 -10.07 -12.68
C SER A 693 -7.40 -9.33 -14.01
N LEU A 694 -8.45 -8.53 -14.11
CA LEU A 694 -8.72 -7.73 -15.31
C LEU A 694 -8.25 -6.29 -15.16
N GLN A 695 -7.56 -5.96 -14.07
CA GLN A 695 -7.12 -4.60 -13.80
C GLN A 695 -5.62 -4.42 -14.02
N ALA A 696 -4.98 -5.35 -14.74
CA ALA A 696 -3.56 -5.31 -14.97
C ALA A 696 -3.26 -5.60 -16.44
N TRP A 697 -2.19 -5.00 -16.95
CA TRP A 697 -1.76 -5.24 -18.31
C TRP A 697 -1.32 -6.69 -18.48
N SER A 698 -1.56 -7.25 -19.67
CA SER A 698 -1.14 -8.62 -19.95
C SER A 698 -1.12 -8.86 -21.46
N PRO A 699 -0.01 -9.39 -22.02
CA PRO A 699 0.04 -9.62 -23.46
C PRO A 699 -0.86 -10.75 -23.94
N GLU A 700 -0.73 -11.92 -23.30
CA GLU A 700 -1.24 -13.16 -23.88
C GLU A 700 -2.76 -13.21 -23.90
N VAL A 701 -3.42 -12.72 -22.87
CA VAL A 701 -4.81 -13.09 -22.63
C VAL A 701 -5.69 -12.59 -23.76
N HIS A 702 -6.18 -13.53 -24.57
CA HIS A 702 -7.16 -13.25 -25.62
C HIS A 702 -8.37 -14.13 -25.37
N LEU A 703 -9.54 -13.50 -25.21
CA LEU A 703 -10.71 -14.24 -24.76
C LEU A 703 -11.31 -15.11 -25.88
N TYR A 704 -11.38 -14.59 -27.09
CA TYR A 704 -12.12 -15.22 -28.18
C TYR A 704 -11.25 -16.02 -29.14
N HIS A 705 -10.00 -16.31 -28.76
CA HIS A 705 -9.10 -17.12 -29.58
C HIS A 705 -8.46 -18.16 -28.67
N MET A 706 -9.10 -19.33 -28.57
CA MET A 706 -8.58 -20.40 -27.74
C MET A 706 -7.53 -21.23 -28.47
N ASN A 707 -7.83 -21.64 -29.70
CA ASN A 707 -6.86 -22.41 -30.47
C ASN A 707 -5.60 -21.61 -30.73
N MET A 708 -5.75 -20.32 -31.04
CA MET A 708 -4.61 -19.44 -31.33
C MET A 708 -4.04 -18.92 -30.02
N THR A 709 -3.22 -19.76 -29.38
CA THR A 709 -2.51 -19.37 -28.17
C THR A 709 -1.23 -18.65 -28.58
N VAL A 710 -1.35 -17.34 -28.77
CA VAL A 710 -0.22 -16.56 -29.28
C VAL A 710 0.88 -16.53 -28.21
N PRO A 711 2.09 -17.00 -28.49
CA PRO A 711 3.17 -16.89 -27.50
C PRO A 711 3.93 -15.58 -27.63
N CYS A 712 4.80 -15.29 -26.66
CA CYS A 712 5.58 -14.07 -26.75
C CYS A 712 6.62 -14.20 -27.86
N PRO A 713 6.97 -13.11 -28.55
CA PRO A 713 7.97 -13.21 -29.62
C PRO A 713 9.34 -13.57 -29.07
N THR A 714 10.29 -13.72 -29.99
CA THR A 714 11.66 -14.02 -29.59
C THR A 714 12.23 -12.90 -28.73
N GLU A 715 11.96 -11.65 -29.11
CA GLU A 715 12.41 -10.50 -28.33
C GLU A 715 11.73 -10.42 -26.97
N GLY A 716 10.65 -11.17 -26.76
CA GLY A 716 9.93 -11.13 -25.50
C GLY A 716 8.92 -10.01 -25.44
N CYS A 717 7.79 -10.26 -24.78
CA CYS A 717 6.75 -9.25 -24.68
C CYS A 717 7.24 -8.09 -23.81
N SER A 718 7.08 -6.87 -24.30
CA SER A 718 7.62 -5.70 -23.64
C SER A 718 6.50 -4.74 -23.23
N LEU A 719 6.68 -4.12 -22.07
CA LEU A 719 5.80 -3.07 -21.59
C LEU A 719 6.63 -1.85 -21.27
N GLU A 720 6.33 -0.73 -21.91
CA GLU A 720 7.12 0.50 -21.81
C GLU A 720 6.31 1.51 -21.00
N LEU A 721 6.55 1.55 -19.69
CA LEU A 721 5.85 2.47 -18.81
C LEU A 721 6.61 3.79 -18.76
N LEU A 722 5.95 4.87 -19.16
CA LEU A 722 6.53 6.20 -19.17
C LEU A 722 5.98 7.02 -18.02
N PHE A 723 6.87 7.68 -17.28
CA PHE A 723 6.51 8.52 -16.16
C PHE A 723 6.55 9.98 -16.59
N GLN A 724 5.55 10.74 -16.14
CA GLN A 724 5.33 12.08 -16.69
C GLN A 724 6.55 12.98 -16.49
N HIS A 725 7.10 13.01 -15.27
CA HIS A 725 8.15 13.97 -14.92
C HIS A 725 9.48 13.25 -14.77
N PRO A 726 10.49 13.55 -15.57
CA PRO A 726 11.82 12.95 -15.35
C PRO A 726 12.42 13.45 -14.05
N VAL A 727 13.03 12.53 -13.30
CA VAL A 727 13.66 12.85 -12.02
C VAL A 727 14.79 11.86 -11.79
N GLN A 728 15.75 12.27 -10.96
CA GLN A 728 16.85 11.39 -10.59
C GLN A 728 16.32 10.29 -9.69
N ALA A 729 15.96 9.15 -10.29
CA ALA A 729 15.20 8.14 -9.58
C ALA A 729 15.95 7.63 -8.36
N ASP A 730 15.22 7.51 -7.25
CA ASP A 730 15.71 6.85 -6.04
C ASP A 730 15.32 5.38 -6.04
N THR A 731 14.09 5.06 -6.43
CA THR A 731 13.62 3.70 -6.42
C THR A 731 12.56 3.51 -7.50
N LEU A 732 12.42 2.27 -7.96
CA LEU A 732 11.37 1.88 -8.89
C LEU A 732 10.68 0.65 -8.33
N THR A 733 9.36 0.58 -8.51
CA THR A 733 8.54 -0.48 -7.95
C THR A 733 7.58 -0.98 -9.02
N LEU A 734 7.59 -2.29 -9.26
CA LEU A 734 6.68 -2.95 -10.19
C LEU A 734 5.71 -3.80 -9.39
N TRP A 735 4.42 -3.63 -9.68
CA TRP A 735 3.38 -4.44 -9.04
C TRP A 735 2.99 -5.59 -9.97
N VAL A 736 3.91 -6.54 -10.08
CA VAL A 736 3.65 -7.75 -10.86
C VAL A 736 2.75 -8.66 -10.03
N THR A 737 1.46 -8.65 -10.32
CA THR A 737 0.46 -9.32 -9.49
C THR A 737 0.00 -10.65 -10.05
N SER A 738 0.75 -11.23 -11.00
CA SER A 738 0.46 -12.58 -11.46
C SER A 738 1.54 -13.01 -12.44
N PHE A 739 1.72 -14.33 -12.54
CA PHE A 739 2.55 -14.94 -13.58
C PHE A 739 2.49 -16.44 -13.38
N PHE A 740 2.84 -17.19 -14.42
CA PHE A 740 2.73 -18.63 -14.42
C PHE A 740 4.05 -19.36 -14.58
N MET A 741 5.01 -18.78 -15.30
CA MET A 741 6.27 -19.46 -15.53
C MET A 741 6.99 -19.71 -14.21
N GLU A 742 7.25 -20.99 -13.90
CA GLU A 742 7.91 -21.33 -12.66
C GLU A 742 9.38 -20.93 -12.66
N SER A 743 9.96 -20.63 -13.82
CA SER A 743 11.34 -20.22 -13.89
C SER A 743 11.52 -18.81 -13.30
N SER A 744 12.73 -18.53 -12.84
CA SER A 744 13.04 -17.23 -12.27
C SER A 744 13.09 -16.12 -13.32
N GLN A 745 13.02 -16.47 -14.61
CA GLN A 745 13.15 -15.50 -15.70
C GLN A 745 11.79 -14.99 -16.18
N VAL A 746 10.81 -14.90 -15.28
CA VAL A 746 9.54 -14.29 -15.66
C VAL A 746 9.78 -12.88 -16.20
N LEU A 747 10.62 -12.11 -15.52
CA LEU A 747 11.10 -10.83 -16.05
C LEU A 747 12.42 -11.12 -16.76
N PHE A 748 12.35 -11.32 -18.07
CA PHE A 748 13.56 -11.61 -18.84
C PHE A 748 14.56 -10.47 -18.79
N ASP A 749 14.10 -9.25 -18.52
CA ASP A 749 14.98 -8.09 -18.44
C ASP A 749 14.15 -6.92 -17.94
N THR A 750 14.85 -5.90 -17.43
CA THR A 750 14.21 -4.66 -16.96
C THR A 750 15.09 -3.52 -17.43
N GLU A 751 14.72 -2.91 -18.56
CA GLU A 751 15.53 -1.87 -19.19
C GLU A 751 15.04 -0.50 -18.71
N ILE A 752 15.80 0.13 -17.82
CA ILE A 752 15.46 1.46 -17.35
C ILE A 752 15.82 2.47 -18.44
N LEU A 753 14.85 3.32 -18.79
CA LEU A 753 15.02 4.31 -19.85
C LEU A 753 15.33 5.66 -19.21
N LEU A 754 16.48 6.21 -19.55
CA LEU A 754 16.87 7.54 -19.08
C LEU A 754 16.40 8.58 -20.10
N GLU A 755 16.76 9.84 -19.86
CA GLU A 755 16.38 10.95 -20.73
C GLU A 755 17.61 11.50 -21.42
N ASN A 756 17.56 11.58 -22.75
CA ASN A 756 18.67 12.08 -23.54
C ASN A 756 19.92 11.22 -23.39
N LYS A 757 19.74 9.98 -22.94
CA LYS A 757 20.86 9.07 -22.71
C LYS A 757 20.44 7.66 -23.13
N GLU A 758 21.39 6.74 -23.08
CA GLU A 758 21.13 5.34 -23.37
C GLU A 758 20.34 4.72 -22.23
N SER A 759 19.70 3.59 -22.52
CA SER A 759 18.92 2.84 -21.53
C SER A 759 19.84 1.79 -20.90
N VAL A 760 19.65 1.56 -19.60
CA VAL A 760 20.50 0.64 -18.85
C VAL A 760 19.70 -0.62 -18.55
N HIS A 761 20.25 -1.77 -18.94
CA HIS A 761 19.59 -3.05 -18.72
C HIS A 761 20.01 -3.60 -17.36
N LEU A 762 19.03 -4.07 -16.58
CA LEU A 762 19.27 -4.58 -15.25
C LEU A 762 19.21 -6.10 -15.18
N GLY A 763 19.18 -6.78 -16.32
CA GLY A 763 19.19 -8.22 -16.35
C GLY A 763 17.95 -8.82 -15.70
N PRO A 764 17.78 -10.14 -15.82
CA PRO A 764 16.61 -10.78 -15.23
C PRO A 764 16.58 -10.60 -13.72
N LEU A 765 15.36 -10.44 -13.19
CA LEU A 765 15.15 -10.26 -11.76
C LEU A 765 14.04 -11.18 -11.29
N ASP A 766 14.17 -11.70 -10.08
CA ASP A 766 13.13 -12.54 -9.49
C ASP A 766 12.06 -11.66 -8.86
N THR A 767 10.85 -12.20 -8.79
CA THR A 767 9.72 -11.45 -8.25
C THR A 767 8.73 -12.42 -7.62
N PHE A 768 7.97 -11.89 -6.67
CA PHE A 768 6.88 -12.62 -6.03
C PHE A 768 5.55 -12.06 -6.52
N CYS A 769 4.57 -12.93 -6.68
CA CYS A 769 3.28 -12.47 -7.20
C CYS A 769 2.58 -11.56 -6.21
N ASP A 770 2.81 -11.72 -4.92
CA ASP A 770 2.08 -10.99 -3.89
C ASP A 770 2.81 -9.76 -3.36
N ILE A 771 4.05 -9.54 -3.75
CA ILE A 771 4.84 -8.42 -3.22
C ILE A 771 5.31 -7.56 -4.38
N PRO A 772 5.34 -6.24 -4.25
CA PRO A 772 5.82 -5.39 -5.35
C PRO A 772 7.34 -5.43 -5.46
N LEU A 773 7.82 -5.91 -6.60
CA LEU A 773 9.26 -5.92 -6.85
C LEU A 773 9.82 -4.52 -6.77
N THR A 774 10.96 -4.37 -6.10
CA THR A 774 11.58 -3.07 -5.89
C THR A 774 13.03 -3.10 -6.35
N ILE A 775 13.46 -2.02 -6.99
CA ILE A 775 14.83 -1.87 -7.46
C ILE A 775 15.33 -0.49 -7.08
N LYS A 776 16.52 -0.43 -6.48
CA LYS A 776 17.19 0.85 -6.26
C LYS A 776 17.94 1.22 -7.53
N LEU A 777 17.64 2.39 -8.08
CA LEU A 777 18.16 2.80 -9.39
C LEU A 777 19.49 3.49 -9.19
N HIS A 778 20.57 2.79 -9.52
CA HIS A 778 21.92 3.36 -9.53
C HIS A 778 22.26 3.75 -10.95
N VAL A 779 21.73 4.91 -11.37
CA VAL A 779 21.86 5.38 -12.74
C VAL A 779 22.34 6.83 -12.71
N ASP A 780 23.25 7.17 -13.62
CA ASP A 780 23.81 8.52 -13.70
C ASP A 780 23.01 9.40 -14.66
N GLY A 781 21.71 9.48 -14.43
CA GLY A 781 20.85 10.30 -15.28
C GLY A 781 19.43 10.28 -14.77
N LYS A 782 18.60 11.07 -15.43
CA LYS A 782 17.19 11.19 -15.04
C LYS A 782 16.39 10.07 -15.70
N VAL A 783 15.77 9.22 -14.88
CA VAL A 783 14.95 8.13 -15.40
C VAL A 783 13.59 8.69 -15.80
N SER A 784 13.15 8.36 -17.02
CA SER A 784 11.86 8.80 -17.51
C SER A 784 10.96 7.66 -17.93
N GLY A 785 11.36 6.41 -17.70
CA GLY A 785 10.53 5.28 -18.04
C GLY A 785 11.23 3.98 -17.70
N VAL A 786 10.48 2.89 -17.87
CA VAL A 786 11.00 1.55 -17.64
C VAL A 786 10.38 0.63 -18.68
N LYS A 787 11.21 -0.17 -19.34
CA LYS A 787 10.74 -1.13 -20.33
C LYS A 787 10.96 -2.54 -19.78
N VAL A 788 9.89 -3.15 -19.30
CA VAL A 788 9.95 -4.50 -18.74
C VAL A 788 9.80 -5.50 -19.87
N TYR A 789 10.80 -6.36 -20.03
CA TYR A 789 10.75 -7.46 -20.99
C TYR A 789 10.43 -8.74 -20.24
N THR A 790 9.52 -9.54 -20.80
CA THR A 790 9.03 -10.74 -20.14
C THR A 790 8.85 -11.85 -21.17
N PHE A 791 9.33 -13.05 -20.83
CA PHE A 791 9.07 -14.24 -21.63
C PHE A 791 7.81 -14.97 -21.19
N ASP A 792 7.21 -14.57 -20.07
CA ASP A 792 6.00 -15.20 -19.58
C ASP A 792 4.79 -14.63 -20.31
N GLU A 793 3.84 -15.50 -20.65
CA GLU A 793 2.66 -15.06 -21.39
C GLU A 793 1.61 -14.46 -20.47
N ARG A 794 1.47 -14.99 -19.26
CA ARG A 794 0.39 -14.63 -18.35
C ARG A 794 0.79 -13.58 -17.32
N ILE A 795 2.02 -13.05 -17.39
CA ILE A 795 2.44 -12.06 -16.39
C ILE A 795 1.54 -10.84 -16.47
N GLU A 796 1.29 -10.22 -15.32
CA GLU A 796 0.42 -9.06 -15.22
C GLU A 796 1.12 -7.99 -14.39
N ILE A 797 1.32 -6.81 -14.99
CA ILE A 797 1.90 -5.67 -14.30
C ILE A 797 0.74 -4.75 -13.94
N ASP A 798 0.34 -4.76 -12.67
CA ASP A 798 -0.83 -4.01 -12.25
C ASP A 798 -0.56 -2.50 -12.25
N ALA A 799 0.66 -2.09 -11.95
CA ALA A 799 1.03 -0.68 -11.92
C ALA A 799 2.54 -0.60 -11.70
N ALA A 800 3.04 0.63 -11.64
CA ALA A 800 4.44 0.86 -11.33
C ALA A 800 4.61 2.26 -10.76
N LEU A 801 5.59 2.41 -9.87
CA LEU A 801 5.82 3.66 -9.15
C LEU A 801 7.30 4.02 -9.20
N LEU A 802 7.59 5.30 -9.42
CA LEU A 802 8.94 5.82 -9.41
C LEU A 802 9.06 6.82 -8.28
N THR A 803 10.02 6.60 -7.39
CA THR A 803 10.31 7.48 -6.26
C THR A 803 11.61 8.22 -6.55
N SER A 804 11.54 9.55 -6.50
CA SER A 804 12.66 10.41 -6.88
C SER A 804 13.66 10.52 -5.74
N GLN A 805 14.78 11.19 -6.01
CA GLN A 805 15.78 11.42 -5.00
C GLN A 805 15.24 12.39 -3.95
N PRO A 806 15.60 12.23 -2.68
CA PRO A 806 15.14 13.19 -1.67
C PRO A 806 15.54 14.61 -2.02
N HIS A 807 14.66 15.56 -1.70
CA HIS A 807 14.88 16.97 -2.00
C HIS A 807 14.91 17.22 -3.51
N SER A 808 14.06 16.51 -4.23
CA SER A 808 13.94 16.71 -5.67
C SER A 808 13.45 18.13 -5.95
N PRO A 809 13.84 18.75 -7.09
CA PRO A 809 13.45 20.14 -7.37
C PRO A 809 11.94 20.27 -7.63
N LEU A 810 11.29 19.20 -8.07
CA LEU A 810 9.87 19.33 -8.40
C LEU A 810 9.09 19.91 -7.23
N CYS A 811 9.58 19.71 -6.00
CA CYS A 811 8.93 20.19 -4.79
C CYS A 811 9.72 21.31 -4.12
N SER A 812 10.64 21.95 -4.85
CA SER A 812 11.43 23.03 -4.26
C SER A 812 10.54 24.18 -3.83
N GLY A 813 9.54 24.53 -4.65
CA GLY A 813 8.64 25.62 -4.32
C GLY A 813 7.55 25.27 -3.34
N CYS A 814 7.30 23.99 -3.11
CA CYS A 814 6.26 23.58 -2.17
C CYS A 814 6.67 23.93 -0.74
N ARG A 815 5.68 24.27 0.07
CA ARG A 815 5.89 24.62 1.47
C ARG A 815 5.41 23.49 2.35
N PRO A 816 6.24 22.93 3.23
CA PRO A 816 5.79 21.81 4.07
C PRO A 816 4.70 22.25 5.04
N VAL A 817 3.85 21.28 5.39
CA VAL A 817 2.75 21.54 6.31
C VAL A 817 3.29 21.53 7.74
N ARG A 818 3.07 22.63 8.46
CA ARG A 818 3.41 22.68 9.87
C ARG A 818 2.32 22.04 10.70
N TYR A 819 2.55 21.94 12.00
CA TYR A 819 1.56 21.42 12.93
C TYR A 819 1.41 22.37 14.11
N GLN A 820 0.20 22.40 14.67
CA GLN A 820 -0.11 23.20 15.85
C GLN A 820 -0.75 22.28 16.89
N VAL A 821 -0.27 22.34 18.12
CA VAL A 821 -0.78 21.50 19.20
C VAL A 821 -1.38 22.38 20.28
N LEU A 822 -2.56 21.99 20.76
CA LEU A 822 -3.24 22.62 21.88
C LEU A 822 -3.41 21.62 23.01
N ARG A 823 -3.33 22.12 24.24
CA ARG A 823 -3.45 21.31 25.45
C ARG A 823 -4.71 21.72 26.21
N ASP A 824 -5.13 20.88 27.15
CA ASP A 824 -6.33 21.17 27.92
C ASP A 824 -6.17 22.49 28.67
N PRO A 825 -5.08 22.70 29.40
CA PRO A 825 -4.78 24.04 29.89
C PRO A 825 -3.99 24.82 28.85
N PRO A 826 -4.21 26.13 28.73
CA PRO A 826 -3.44 26.90 27.75
C PRO A 826 -1.95 26.80 28.01
N PHE A 827 -1.18 26.68 26.92
CA PHE A 827 0.27 26.65 27.01
C PHE A 827 0.80 27.98 27.52
N ALA A 828 2.12 28.09 27.70
CA ALA A 828 2.73 29.36 28.05
C ALA A 828 2.25 30.45 27.10
N SER A 829 1.58 31.45 27.66
CA SER A 829 0.96 32.52 26.88
C SER A 829 -0.33 32.04 26.21
N GLY A 830 -0.63 30.75 26.35
CA GLY A 830 -1.88 30.19 25.87
C GLY A 830 -1.94 29.88 24.40
N LEU A 831 -0.87 30.12 23.64
CA LEU A 831 -0.92 29.86 22.21
C LEU A 831 -0.56 28.41 21.92
N PRO A 832 -1.08 27.82 20.85
CA PRO A 832 -0.66 26.46 20.49
C PRO A 832 0.81 26.43 20.10
N VAL A 833 1.44 25.29 20.38
CA VAL A 833 2.85 25.12 20.05
C VAL A 833 2.97 24.72 18.58
N VAL A 834 3.94 25.32 17.89
CA VAL A 834 4.12 25.12 16.45
C VAL A 834 5.23 24.09 16.26
N VAL A 835 4.84 22.88 15.90
CA VAL A 835 5.78 21.80 15.58
C VAL A 835 5.99 21.81 14.08
N THR A 836 7.15 22.28 13.63
CA THR A 836 7.48 22.37 12.21
C THR A 836 8.25 21.17 11.70
N HIS A 837 8.49 20.16 12.52
CA HIS A 837 9.29 19.02 12.11
C HIS A 837 8.49 18.12 11.17
N SER A 838 9.10 17.01 10.77
CA SER A 838 8.50 16.07 9.85
C SER A 838 8.42 14.65 10.37
N HIS A 839 8.89 14.39 11.59
CA HIS A 839 8.83 13.04 12.17
C HIS A 839 7.60 12.86 13.05
N ARG A 840 6.76 13.87 13.20
CA ARG A 840 5.47 13.77 13.87
C ARG A 840 5.64 13.29 15.32
N LYS A 841 6.33 14.13 16.09
CA LYS A 841 6.51 13.91 17.52
C LYS A 841 6.63 15.27 18.20
N PHE A 842 6.02 15.39 19.38
CA PHE A 842 6.13 16.62 20.16
C PHE A 842 6.41 16.27 21.62
N THR A 843 7.35 17.00 22.21
CA THR A 843 7.69 16.84 23.62
C THR A 843 7.23 18.07 24.40
N ASP A 844 6.50 17.83 25.49
CA ASP A 844 5.98 18.87 26.34
C ASP A 844 6.64 18.77 27.71
N VAL A 845 7.18 19.89 28.19
CA VAL A 845 7.87 19.95 29.48
C VAL A 845 7.11 20.77 30.51
N GLU A 846 5.92 21.28 30.18
CA GLU A 846 5.09 22.03 31.11
C GLU A 846 4.07 21.14 31.80
N VAL A 847 4.26 19.83 31.77
CA VAL A 847 3.28 18.89 32.31
C VAL A 847 3.65 18.54 33.75
N THR A 848 2.66 18.59 34.64
CA THR A 848 2.83 18.27 36.05
C THR A 848 2.24 16.91 36.34
N PRO A 849 2.90 16.05 37.13
CA PRO A 849 2.34 14.72 37.39
C PRO A 849 0.96 14.80 38.02
N GLY A 850 0.10 13.86 37.62
CA GLY A 850 -1.22 13.72 38.21
C GLY A 850 -2.31 14.56 37.60
N GLN A 851 -1.98 15.46 36.66
CA GLN A 851 -2.96 16.33 36.05
C GLN A 851 -3.42 15.78 34.70
N MET A 852 -4.66 16.10 34.34
CA MET A 852 -5.26 15.65 33.10
C MET A 852 -4.95 16.65 32.00
N TYR A 853 -4.56 16.13 30.83
CA TYR A 853 -4.21 16.95 29.67
C TYR A 853 -4.93 16.43 28.45
N GLN A 854 -5.42 17.36 27.64
CA GLN A 854 -6.13 17.06 26.40
C GLN A 854 -5.34 17.62 25.22
N TYR A 855 -4.79 16.73 24.41
CA TYR A 855 -3.90 17.10 23.31
C TYR A 855 -4.66 17.03 22.00
N GLN A 856 -4.61 18.12 21.23
CA GLN A 856 -5.20 18.18 19.89
C GLN A 856 -4.18 18.75 18.92
N VAL A 857 -4.20 18.26 17.68
CA VAL A 857 -3.22 18.60 16.66
C VAL A 857 -3.92 19.03 15.39
N LEU A 858 -3.43 20.11 14.78
CA LEU A 858 -3.88 20.58 13.48
C LEU A 858 -2.69 20.61 12.53
N ALA A 859 -2.93 20.25 11.27
CA ALA A 859 -1.88 20.27 10.25
C ALA A 859 -2.00 21.52 9.39
N GLU A 860 -1.77 22.68 10.02
CA GLU A 860 -2.02 23.94 9.33
C GLU A 860 -1.05 24.10 8.17
N ALA A 861 -1.49 24.83 7.14
CA ALA A 861 -0.67 25.03 5.95
C ALA A 861 -1.10 26.31 5.26
N GLY A 862 -0.16 27.22 5.05
CA GLY A 862 -0.42 28.44 4.31
C GLY A 862 -1.18 29.51 5.08
N GLY A 863 -1.39 29.33 6.38
CA GLY A 863 -2.13 30.26 7.20
C GLY A 863 -3.57 29.85 7.42
N GLU A 864 -4.09 28.97 6.58
CA GLU A 864 -5.45 28.45 6.74
C GLU A 864 -5.39 27.25 7.69
N LEU A 865 -5.68 27.50 8.96
CA LEU A 865 -5.59 26.46 9.97
C LEU A 865 -6.61 25.36 9.69
N GLY A 866 -6.18 24.12 9.78
CA GLY A 866 -7.03 22.97 9.53
C GLY A 866 -7.99 22.72 10.68
N GLU A 867 -8.53 21.50 10.69
CA GLU A 867 -9.45 21.09 11.74
C GLU A 867 -8.71 20.33 12.83
N ALA A 868 -9.12 20.56 14.08
CA ALA A 868 -8.47 19.92 15.21
C ALA A 868 -8.73 18.41 15.22
N SER A 869 -7.74 17.68 15.70
CA SER A 869 -7.82 16.24 15.81
C SER A 869 -8.68 15.84 17.01
N PRO A 870 -9.16 14.59 17.05
CA PRO A 870 -9.83 14.11 18.25
C PRO A 870 -8.91 14.26 19.46
N PRO A 871 -9.49 14.52 20.65
CA PRO A 871 -8.68 14.83 21.84
C PRO A 871 -8.03 13.65 22.58
N LEU A 872 -6.73 13.74 22.81
CA LEU A 872 -6.02 12.73 23.59
C LEU A 872 -6.06 13.13 25.05
N ASN A 873 -6.83 12.39 25.85
CA ASN A 873 -6.94 12.64 27.28
C ASN A 873 -5.98 11.72 28.01
N HIS A 874 -5.03 12.31 28.74
CA HIS A 874 -4.06 11.54 29.48
C HIS A 874 -3.73 12.24 30.79
N ILE A 875 -3.68 11.47 31.87
CA ILE A 875 -3.27 11.97 33.18
C ILE A 875 -1.79 11.68 33.32
N HIS A 876 -1.00 12.73 33.57
CA HIS A 876 0.45 12.58 33.63
C HIS A 876 0.82 11.53 34.68
N GLY A 877 1.68 10.60 34.28
CA GLY A 877 2.10 9.52 35.14
C GLY A 877 1.28 8.27 35.04
N ALA A 878 0.11 8.34 34.39
CA ALA A 878 -0.74 7.17 34.26
C ALA A 878 -0.13 6.16 33.28
N PRO A 879 -0.38 4.88 33.47
CA PRO A 879 0.14 3.88 32.53
C PRO A 879 -0.52 4.01 31.17
N TYR A 880 0.21 3.59 30.14
CA TYR A 880 -0.28 3.64 28.77
C TYR A 880 0.40 2.56 27.97
N CYS A 881 -0.22 2.20 26.85
CA CYS A 881 0.37 1.18 25.97
C CYS A 881 1.69 1.69 25.38
N GLY A 882 2.61 0.77 25.16
CA GLY A 882 3.93 1.14 24.69
C GLY A 882 4.71 1.93 25.72
N ASP A 883 4.72 1.46 26.96
CA ASP A 883 5.51 2.14 28.02
C ASP A 883 6.40 1.13 28.74
N GLY A 884 6.40 -0.12 28.31
CA GLY A 884 7.33 -1.09 28.88
C GLY A 884 6.89 -1.72 30.17
N LYS A 885 5.67 -1.45 30.63
CA LYS A 885 5.15 -2.01 31.88
C LYS A 885 3.75 -2.54 31.65
N VAL A 886 3.57 -3.85 31.79
CA VAL A 886 2.25 -4.43 31.69
C VAL A 886 1.39 -3.94 32.85
N SER A 887 0.11 -3.71 32.57
CA SER A 887 -0.82 -3.21 33.56
C SER A 887 -2.16 -3.91 33.37
N GLU A 888 -2.50 -4.81 34.31
CA GLU A 888 -3.81 -5.44 34.28
C GLU A 888 -4.93 -4.45 34.52
N ARG A 889 -4.63 -3.30 35.12
CA ARG A 889 -5.65 -2.29 35.36
C ARG A 889 -6.24 -1.78 34.04
N LEU A 890 -5.38 -1.53 33.06
CA LEU A 890 -5.82 -1.03 31.76
C LEU A 890 -6.05 -2.15 30.74
N GLY A 891 -5.91 -3.41 31.14
CA GLY A 891 -6.16 -4.51 30.24
C GLY A 891 -5.01 -4.89 29.34
N GLU A 892 -3.83 -4.30 29.54
CA GLU A 892 -2.67 -4.65 28.72
C GLU A 892 -2.24 -6.09 28.99
N GLU A 893 -1.67 -6.71 27.95
CA GLU A 893 -1.13 -8.09 28.06
C GLU A 893 0.36 -8.02 27.71
N CYS A 894 0.70 -7.81 26.43
CA CYS A 894 2.12 -7.62 26.06
C CYS A 894 2.39 -6.13 25.81
N ASP A 895 2.92 -5.40 26.79
CA ASP A 895 3.31 -3.99 26.53
C ASP A 895 4.76 -4.06 26.03
N ASP A 896 4.96 -4.32 24.73
CA ASP A 896 6.33 -4.53 24.27
C ASP A 896 7.18 -3.27 24.37
N GLY A 897 6.57 -2.11 24.57
CA GLY A 897 7.28 -0.85 24.62
C GLY A 897 7.20 -0.04 23.35
N ASP A 898 6.58 -0.57 22.31
CA ASP A 898 6.38 0.16 21.06
C ASP A 898 4.96 -0.07 20.57
N LEU A 899 4.45 0.89 19.81
CA LEU A 899 3.11 0.82 19.26
C LEU A 899 3.07 0.21 17.86
N VAL A 900 4.03 -0.65 17.54
CA VAL A 900 4.08 -1.30 16.24
C VAL A 900 3.45 -2.69 16.36
N SER A 901 2.44 -2.95 15.53
CA SER A 901 1.75 -4.22 15.55
C SER A 901 2.55 -5.28 14.80
N GLY A 902 2.27 -6.54 15.15
CA GLY A 902 2.94 -7.67 14.54
C GLY A 902 4.25 -8.07 15.19
N ASP A 903 4.82 -7.21 16.03
CA ASP A 903 6.08 -7.52 16.72
C ASP A 903 5.86 -8.32 17.99
N GLY A 904 5.12 -9.41 17.92
CA GLY A 904 4.78 -10.20 19.09
C GLY A 904 3.48 -9.78 19.75
N CYS A 905 3.25 -8.48 19.84
CA CYS A 905 2.05 -7.93 20.46
C CYS A 905 1.51 -6.77 19.64
N SER A 906 0.19 -6.63 19.65
CA SER A 906 -0.48 -5.58 18.89
C SER A 906 -0.25 -4.21 19.53
N LYS A 907 -0.53 -3.17 18.77
CA LYS A 907 -0.38 -1.81 19.29
C LYS A 907 -1.43 -1.47 20.33
N VAL A 908 -2.44 -2.31 20.49
CA VAL A 908 -3.44 -2.12 21.55
C VAL A 908 -2.99 -2.88 22.79
N CYS A 909 -1.72 -3.30 22.81
CA CYS A 909 -1.16 -4.04 23.93
C CYS A 909 -1.95 -5.32 24.18
N GLU A 910 -2.16 -6.10 23.12
CA GLU A 910 -2.92 -7.34 23.18
C GLU A 910 -2.10 -8.48 22.60
N LEU A 911 -2.12 -9.62 23.29
CA LEU A 911 -1.42 -10.80 22.81
C LEU A 911 -2.00 -11.24 21.47
N GLU A 912 -1.08 -11.51 20.54
CA GLU A 912 -1.49 -12.00 19.20
C GLU A 912 -1.50 -13.52 19.22
N GLU A 913 -1.86 -14.13 18.09
CA GLU A 913 -1.91 -15.58 17.98
C GLU A 913 -0.51 -16.18 18.10
N GLY A 914 -0.35 -17.11 19.04
CA GLY A 914 0.89 -17.84 19.21
C GLY A 914 1.96 -17.15 20.01
N PHE A 915 1.73 -15.91 20.46
CA PHE A 915 2.74 -15.15 21.17
C PHE A 915 2.50 -15.21 22.67
N ASN A 916 3.60 -15.21 23.44
CA ASN A 916 3.57 -15.47 24.88
C ASN A 916 4.44 -14.47 25.62
N CYS A 917 4.22 -13.19 25.34
CA CYS A 917 5.10 -12.13 25.89
C CYS A 917 5.19 -12.20 27.43
N VAL A 918 6.41 -12.27 27.97
CA VAL A 918 6.70 -12.37 29.39
C VAL A 918 7.70 -11.28 29.76
N GLY A 919 7.70 -10.89 31.03
CA GLY A 919 8.61 -9.87 31.53
C GLY A 919 8.03 -8.47 31.36
N GLU A 920 8.47 -7.57 32.23
CA GLU A 920 7.99 -6.18 32.16
C GLU A 920 8.30 -5.55 30.81
N PRO A 921 9.52 -5.65 30.28
CA PRO A 921 9.73 -5.28 28.87
C PRO A 921 9.39 -6.48 27.99
N SER A 922 8.10 -6.66 27.75
CA SER A 922 7.57 -7.86 27.14
C SER A 922 8.43 -8.35 25.98
N LEU A 923 8.78 -9.64 26.03
CA LEU A 923 9.59 -10.25 24.94
C LEU A 923 8.75 -11.39 24.33
N CYS A 924 7.93 -11.08 23.33
CA CYS A 924 7.00 -12.10 22.75
C CYS A 924 7.79 -13.23 22.09
N TYR A 925 7.19 -14.42 22.01
CA TYR A 925 7.85 -15.56 21.34
C TYR A 925 6.79 -16.59 20.92
N MET A 926 7.09 -17.38 19.88
CA MET A 926 6.18 -18.39 19.39
C MET A 926 6.11 -19.57 20.37
C1 NAG B . -23.04 18.55 10.94
C2 NAG B . -22.91 17.56 12.08
C3 NAG B . -23.35 18.21 13.39
C4 NAG B . -22.60 19.51 13.62
C5 NAG B . -22.73 20.42 12.40
C6 NAG B . -21.89 21.67 12.50
C7 NAG B . -23.41 15.52 10.82
C8 NAG B . -24.31 14.33 10.70
N2 NAG B . -23.69 16.36 11.83
O3 NAG B . -23.11 17.31 14.47
O4 NAG B . -23.13 20.19 14.75
O5 NAG B . -22.28 19.73 11.22
O6 NAG B . -22.29 22.65 11.56
O7 NAG B . -22.48 15.72 10.04
C1 NAG B . -22.97 19.95 16.17
C2 NAG B . -23.24 20.98 17.26
C3 NAG B . -22.79 20.43 18.62
C4 NAG B . -23.41 19.07 18.88
C5 NAG B . -23.12 18.13 17.71
C6 NAG B . -23.80 16.78 17.84
C7 NAG B . -23.05 23.12 16.10
C8 NAG B . -22.24 24.37 15.92
N2 NAG B . -22.58 22.23 16.97
O3 NAG B . -23.16 21.34 19.64
O4 NAG B . -22.88 18.50 20.07
O5 NAG B . -23.59 18.71 16.49
O6 NAG B . -23.52 15.95 16.72
O7 NAG B . -24.09 22.93 15.47
ZN ZN C . -25.69 1.42 -7.30
C1 NAG D . -8.96 22.75 -11.91
C2 NAG D . -7.77 23.09 -12.79
C3 NAG D . -6.85 24.08 -12.08
C4 NAG D . -7.64 25.29 -11.60
C5 NAG D . -8.82 24.84 -10.76
C6 NAG D . -9.71 25.98 -10.32
C7 NAG D . -6.10 21.88 -14.12
C8 NAG D . -5.45 20.55 -14.39
N2 NAG D . -7.04 21.90 -13.17
O3 NAG D . -5.82 24.50 -12.98
O4 NAG D . -6.80 26.13 -10.81
O5 NAG D . -9.64 23.95 -11.52
O6 NAG D . -9.44 27.17 -11.06
O7 NAG D . -5.79 22.90 -14.74
CA CA E . -3.86 -1.51 -12.66
CA CA F . 1.30 0.33 29.79
#